data_1VTF
# 
_entry.id   1VTF 
# 
_audit_conform.dict_name       mmcif_pdbx.dic 
_audit_conform.dict_version    5.383 
_audit_conform.dict_location   http://mmcif.pdb.org/dictionaries/ascii/mmcif_pdbx.dic 
# 
loop_
_database_2.database_id 
_database_2.database_code 
_database_2.pdbx_database_accession 
_database_2.pdbx_DOI 
PDB   1VTF         pdb_00001vtf 10.2210/pdb1vtf/pdb 
NDB   DDDB06       ?            ?                   
RCSB  RCSB003039   ?            ?                   
WWPDB D_1000003039 ?            ?                   
# 
loop_
_pdbx_audit_revision_history.ordinal 
_pdbx_audit_revision_history.data_content_type 
_pdbx_audit_revision_history.major_revision 
_pdbx_audit_revision_history.minor_revision 
_pdbx_audit_revision_history.revision_date 
1 'Structure model' 1 0 2011-07-13 
2 'Structure model' 1 1 2018-04-18 
3 'Structure model' 1 2 2018-10-10 
4 'Structure model' 1 3 2023-12-27 
# 
_pdbx_audit_revision_details.ordinal             1 
_pdbx_audit_revision_details.revision_ordinal    1 
_pdbx_audit_revision_details.data_content_type   'Structure model' 
_pdbx_audit_revision_details.provider            repository 
_pdbx_audit_revision_details.type                'Initial release' 
_pdbx_audit_revision_details.description         ? 
_pdbx_audit_revision_details.details             ? 
# 
loop_
_pdbx_audit_revision_group.ordinal 
_pdbx_audit_revision_group.revision_ordinal 
_pdbx_audit_revision_group.data_content_type 
_pdbx_audit_revision_group.group 
1 2 'Structure model' 'Data collection'      
2 3 'Structure model' 'Data collection'      
3 3 'Structure model' 'Database references'  
4 3 'Structure model' 'Source and taxonomy'  
5 4 'Structure model' 'Data collection'      
6 4 'Structure model' 'Database references'  
7 4 'Structure model' 'Derived calculations' 
# 
loop_
_pdbx_audit_revision_category.ordinal 
_pdbx_audit_revision_category.revision_ordinal 
_pdbx_audit_revision_category.data_content_type 
_pdbx_audit_revision_category.category 
1 2 'Structure model' diffrn_detector     
2 3 'Structure model' citation            
3 3 'Structure model' pdbx_entity_src_syn 
4 4 'Structure model' chem_comp_atom      
5 4 'Structure model' chem_comp_bond      
6 4 'Structure model' database_2          
7 4 'Structure model' struct_conn         
8 4 'Structure model' struct_site         
# 
loop_
_pdbx_audit_revision_item.ordinal 
_pdbx_audit_revision_item.revision_ordinal 
_pdbx_audit_revision_item.data_content_type 
_pdbx_audit_revision_item.item 
1 2 'Structure model' '_diffrn_detector.detector'           
2 3 'Structure model' '_citation.pdbx_database_id_PubMed'   
3 3 'Structure model' '_citation.title'                     
4 4 'Structure model' '_database_2.pdbx_DOI'                
5 4 'Structure model' '_database_2.pdbx_database_accession' 
6 4 'Structure model' '_struct_conn.pdbx_leaving_atom_flag' 
7 4 'Structure model' '_struct_site.pdbx_auth_asym_id'      
8 4 'Structure model' '_struct_site.pdbx_auth_comp_id'      
9 4 'Structure model' '_struct_site.pdbx_auth_seq_id'       
# 
_pdbx_database_status.status_code                     REL 
_pdbx_database_status.entry_id                        1VTF 
_pdbx_database_status.recvd_initial_deposition_date   1988-12-13 
_pdbx_database_status.deposit_site                    RCSB 
_pdbx_database_status.process_site                    RCSB 
_pdbx_database_status.SG_entry                        ? 
_pdbx_database_status.status_code_sf                  ? 
_pdbx_database_status.status_code_mr                  ? 
_pdbx_database_status.status_code_cs                  ? 
_pdbx_database_status.pdb_format_compatible           Y 
_pdbx_database_status.methods_development_category    ? 
_pdbx_database_status.status_code_nmr_data            ? 
# 
loop_
_audit_author.name 
_audit_author.pdbx_ordinal 
'Westhof, E.'       1 
'Hosur, M.V.'       2 
'Sundaralingam, M.' 3 
# 
_citation.id                        primary 
_citation.title                     
'Nonintercalative binding of proflavin to Z-DNA: structure of a complex between d(5BrC-G-5BrC-G) and proflavin.' 
_citation.journal_abbrev            Biochemistry 
_citation.journal_volume            27 
_citation.page_first                5742 
_citation.page_last                 5747 
_citation.year                      1988 
_citation.journal_id_ASTM           BICHAW 
_citation.country                   US 
_citation.journal_id_ISSN           0006-2960 
_citation.journal_id_CSD            0033 
_citation.book_publisher            ? 
_citation.pdbx_database_id_PubMed   3179273 
_citation.pdbx_database_id_DOI      ? 
# 
loop_
_citation_author.citation_id 
_citation_author.name 
_citation_author.ordinal 
_citation_author.identifier_ORCID 
primary 'Westhof, E.'       1 ? 
primary 'Hosur, M.V.'       2 ? 
primary 'Sundaralingam, M.' 3 ? 
# 
loop_
_entity.id 
_entity.type 
_entity.src_method 
_entity.pdbx_description 
_entity.formula_weight 
_entity.pdbx_number_of_molecules 
_entity.pdbx_ec 
_entity.pdbx_mutation 
_entity.pdbx_fragment 
_entity.details 
1 polymer     syn 
;DNA (5'-D(*(BRO)CP*GP*(BRO)CP*G)-3')
;
1349.610 2 ? ? ? ? 
2 non-polymer syn PROFLAVIN                              209.247  6 ? ? ? ? 
3 water       nat water                                  18.015   1 ? ? ? ? 
# 
_entity_poly.entity_id                      1 
_entity_poly.type                           polydeoxyribonucleotide 
_entity_poly.nstd_linkage                   no 
_entity_poly.nstd_monomer                   yes 
_entity_poly.pdbx_seq_one_letter_code       '(CBR)(DG)(CBR)(DG)' 
_entity_poly.pdbx_seq_one_letter_code_can   CGCG 
_entity_poly.pdbx_strand_id                 A,B 
_entity_poly.pdbx_target_identifier         ? 
# 
loop_
_pdbx_entity_nonpoly.entity_id 
_pdbx_entity_nonpoly.name 
_pdbx_entity_nonpoly.comp_id 
2 PROFLAVIN PRL 
3 water     HOH 
# 
loop_
_entity_poly_seq.entity_id 
_entity_poly_seq.num 
_entity_poly_seq.mon_id 
_entity_poly_seq.hetero 
1 1 CBR n 
1 2 DG  n 
1 3 CBR n 
1 4 DG  n 
# 
_pdbx_entity_src_syn.entity_id              1 
_pdbx_entity_src_syn.pdbx_src_id            1 
_pdbx_entity_src_syn.pdbx_alt_source_flag   sample 
_pdbx_entity_src_syn.pdbx_beg_seq_num       ? 
_pdbx_entity_src_syn.pdbx_end_seq_num       ? 
_pdbx_entity_src_syn.organism_scientific    'synthetic construct' 
_pdbx_entity_src_syn.organism_common_name   ? 
_pdbx_entity_src_syn.ncbi_taxonomy_id       32630 
_pdbx_entity_src_syn.details                ? 
# 
loop_
_chem_comp.id 
_chem_comp.type 
_chem_comp.mon_nstd_flag 
_chem_comp.name 
_chem_comp.pdbx_synonyms 
_chem_comp.formula 
_chem_comp.formula_weight 
CBR 'DNA linking' n "5-BROMO-2'-DEOXY-CYTIDINE-5'-MONOPHOSPHATE" ? 'C9 H13 Br N3 O7 P' 386.093 
DG  'DNA linking' y "2'-DEOXYGUANOSINE-5'-MONOPHOSPHATE"         ? 'C10 H14 N5 O7 P'   347.221 
HOH non-polymer   . WATER                                        ? 'H2 O'              18.015  
PRL non-polymer   . PROFLAVIN                                    ? 'C13 H11 N3'        209.247 
# 
loop_
_pdbx_poly_seq_scheme.asym_id 
_pdbx_poly_seq_scheme.entity_id 
_pdbx_poly_seq_scheme.seq_id 
_pdbx_poly_seq_scheme.mon_id 
_pdbx_poly_seq_scheme.ndb_seq_num 
_pdbx_poly_seq_scheme.pdb_seq_num 
_pdbx_poly_seq_scheme.auth_seq_num 
_pdbx_poly_seq_scheme.pdb_mon_id 
_pdbx_poly_seq_scheme.auth_mon_id 
_pdbx_poly_seq_scheme.pdb_strand_id 
_pdbx_poly_seq_scheme.pdb_ins_code 
_pdbx_poly_seq_scheme.hetero 
A 1 1 CBR 1 1 1 CBR CBR A . n 
A 1 2 DG  2 2 2 DG  DG  A . n 
A 1 3 CBR 3 3 3 CBR CBR A . n 
A 1 4 DG  4 4 4 DG  DG  A . n 
B 1 1 CBR 1 5 5 CBR CBR B . n 
B 1 2 DG  2 6 6 DG  DG  B . n 
B 1 3 CBR 3 7 7 CBR CBR B . n 
B 1 4 DG  4 8 8 DG  DG  B . n 
# 
loop_
_pdbx_nonpoly_scheme.asym_id 
_pdbx_nonpoly_scheme.entity_id 
_pdbx_nonpoly_scheme.mon_id 
_pdbx_nonpoly_scheme.ndb_seq_num 
_pdbx_nonpoly_scheme.pdb_seq_num 
_pdbx_nonpoly_scheme.auth_seq_num 
_pdbx_nonpoly_scheme.pdb_mon_id 
_pdbx_nonpoly_scheme.auth_mon_id 
_pdbx_nonpoly_scheme.pdb_strand_id 
_pdbx_nonpoly_scheme.pdb_ins_code 
C 2 PRL 1 12 12 PRL PRL A . 
D 2 PRL 1 13 13 PRL PRL A . 
E 2 PRL 1 9  9  PRL PRL B . 
F 2 PRL 1 10 10 PRL PRL B . 
G 2 PRL 1 11 11 PRL PRL B . 
H 2 PRL 1 14 14 PRL PRL B . 
I 3 HOH 1 15 15 HOH HOH B . 
# 
_software.name             NUCLSQ 
_software.classification   refinement 
_software.version          . 
_software.citation_id      ? 
_software.pdbx_ordinal     1 
# 
_cell.entry_id           1VTF 
_cell.length_a           17.900 
_cell.length_b           17.900 
_cell.length_c           44.500 
_cell.angle_alpha        90.00 
_cell.angle_beta         90.00 
_cell.angle_gamma        120.00 
_cell.Z_PDB              12 
_cell.pdbx_unique_axis   ? 
_cell.length_a_esd       ? 
_cell.length_b_esd       ? 
_cell.length_c_esd       ? 
_cell.angle_alpha_esd    ? 
_cell.angle_beta_esd     ? 
_cell.angle_gamma_esd    ? 
# 
_symmetry.entry_id                         1VTF 
_symmetry.space_group_name_H-M             'P 65' 
_symmetry.pdbx_full_space_group_name_H-M   ? 
_symmetry.cell_setting                     ? 
_symmetry.Int_Tables_number                170 
_symmetry.space_group_name_Hall            ? 
# 
_exptl.entry_id          1VTF 
_exptl.method            'X-RAY DIFFRACTION' 
_exptl.crystals_number   1 
# 
_exptl_crystal.id                    1 
_exptl_crystal.density_meas          ? 
_exptl_crystal.density_percent_sol   ? 
_exptl_crystal.density_Matthews      ? 
_exptl_crystal.description           ? 
_exptl_crystal.F_000                 ? 
_exptl_crystal.preparation           ? 
# 
_exptl_crystal_grow.crystal_id      1 
_exptl_crystal_grow.method          'LIQUID DIFFUSION' 
_exptl_crystal_grow.temp            ? 
_exptl_crystal_grow.temp_details    ? 
_exptl_crystal_grow.pH              7.00 
_exptl_crystal_grow.pdbx_details    'ACETONE, SODIUM CACODYLATE, pH 7.00, LIQUID DIFFUSION' 
_exptl_crystal_grow.pdbx_pH_range   ? 
# 
loop_
_exptl_crystal_grow_comp.crystal_id 
_exptl_crystal_grow_comp.id 
_exptl_crystal_grow_comp.sol_id 
_exptl_crystal_grow_comp.name 
_exptl_crystal_grow_comp.volume 
_exptl_crystal_grow_comp.conc 
_exptl_crystal_grow_comp.details 
1 1 1 WATER               1 2 3 
1 2 1 ACETONE             4 5 6 
1 3 1 'SODIUM CACODYLATE' 7 8 9 
# 
_diffrn.id                     1 
_diffrn.ambient_temp           ? 
_diffrn.ambient_temp_details   ? 
_diffrn.crystal_id             1 
# 
_diffrn_detector.diffrn_id              1 
_diffrn_detector.detector               DIFFRACTOMETER 
_diffrn_detector.type                   'ENRAF-NONIUS CAD4' 
_diffrn_detector.pdbx_collection_date   ? 
_diffrn_detector.details                ? 
# 
_diffrn_radiation.diffrn_id                        1 
_diffrn_radiation.wavelength_id                    1 
_diffrn_radiation.pdbx_monochromatic_or_laue_m_l   M 
_diffrn_radiation.monochromator                    ? 
_diffrn_radiation.pdbx_diffrn_protocol             'SINGLE WAVELENGTH' 
_diffrn_radiation.pdbx_scattering_type             x-ray 
# 
_diffrn_radiation_wavelength.id           1 
_diffrn_radiation_wavelength.wavelength   1.5418 
_diffrn_radiation_wavelength.wt           1.0 
# 
_diffrn_source.diffrn_id                   1 
_diffrn_source.source                      'SEALED TUBE' 
_diffrn_source.type                        ? 
_diffrn_source.pdbx_synchrotron_site       ? 
_diffrn_source.pdbx_synchrotron_beamline   ? 
_diffrn_source.pdbx_wavelength             1.5418 
_diffrn_source.pdbx_wavelength_list        ? 
# 
_reflns.entry_id                     1VTF 
_reflns.observed_criterion_sigma_I   2.000 
_reflns.observed_criterion_sigma_F   ? 
_reflns.d_resolution_low             ? 
_reflns.d_resolution_high            2.000 
_reflns.number_obs                   ? 
_reflns.number_all                   ? 
_reflns.percent_possible_obs         ? 
_reflns.pdbx_Rmerge_I_obs            ? 
_reflns.pdbx_Rsym_value              ? 
_reflns.pdbx_netI_over_sigmaI        ? 
_reflns.B_iso_Wilson_estimate        ? 
_reflns.pdbx_redundancy              ? 
_reflns.R_free_details               ? 
_reflns.pdbx_ordinal                 1 
_reflns.pdbx_diffrn_id               1 
_reflns.pdbx_chi_squared             ? 
_reflns.pdbx_scaling_rejects         ? 
# 
_refine.entry_id                                 1VTF 
_refine.ls_number_reflns_obs                     474 
_refine.ls_number_reflns_all                     ? 
_refine.pdbx_ls_sigma_I                          ? 
_refine.pdbx_ls_sigma_F                          4.000 
_refine.pdbx_data_cutoff_high_absF               ? 
_refine.pdbx_data_cutoff_low_absF                ? 
_refine.pdbx_data_cutoff_high_rms_absF           ? 
_refine.ls_d_res_low                             4.5 
_refine.ls_d_res_high                            2.00 
_refine.ls_percent_reflns_obs                    ? 
_refine.ls_R_factor_obs                          0.2690000 
_refine.ls_R_factor_all                          ? 
_refine.ls_R_factor_R_work                       ? 
_refine.ls_R_factor_R_free                       ? 
_refine.ls_R_factor_R_free_error                 ? 
_refine.ls_R_factor_R_free_error_details         ? 
_refine.ls_percent_reflns_R_free                 ? 
_refine.ls_number_reflns_R_free                  ? 
_refine.ls_number_parameters                     ? 
_refine.ls_number_restraints                     ? 
_refine.occupancy_min                            ? 
_refine.occupancy_max                            ? 
_refine.B_iso_mean                               ? 
_refine.aniso_B[1][1]                            ? 
_refine.aniso_B[2][2]                            ? 
_refine.aniso_B[3][3]                            ? 
_refine.aniso_B[1][2]                            ? 
_refine.aniso_B[1][3]                            ? 
_refine.aniso_B[2][3]                            ? 
_refine.solvent_model_details                    ? 
_refine.solvent_model_param_ksol                 ? 
_refine.solvent_model_param_bsol                 ? 
_refine.pdbx_ls_cross_valid_method               ? 
_refine.details                                  ? 
_refine.pdbx_starting_model                      ? 
_refine.pdbx_method_to_determine_struct          ? 
_refine.pdbx_isotropic_thermal_model             ? 
_refine.pdbx_stereochemistry_target_values       ? 
_refine.pdbx_stereochem_target_val_spec_case     ? 
_refine.pdbx_R_Free_selection_details            ? 
_refine.pdbx_overall_ESU_R_Free                  ? 
_refine.overall_SU_ML                            ? 
_refine.overall_SU_B                             ? 
_refine.ls_redundancy_reflns_obs                 ? 
_refine.correlation_coeff_Fo_to_Fc               ? 
_refine.correlation_coeff_Fo_to_Fc_free          ? 
_refine.overall_SU_R_Cruickshank_DPI             ? 
_refine.overall_SU_R_free                        ? 
_refine.pdbx_refine_id                           'X-RAY DIFFRACTION' 
_refine.pdbx_diffrn_id                           1 
_refine.pdbx_overall_phase_error                 ? 
_refine.pdbx_solvent_vdw_probe_radii             ? 
_refine.pdbx_solvent_ion_probe_radii             ? 
_refine.pdbx_solvent_shrinkage_radii             ? 
_refine.ls_wR_factor_R_free                      ? 
_refine.ls_wR_factor_R_work                      ? 
_refine.overall_FOM_free_R_set                   ? 
_refine.overall_FOM_work_R_set                   ? 
_refine.pdbx_overall_ESU_R                       ? 
_refine.pdbx_TLS_residual_ADP_flag               ? 
_refine.pdbx_overall_SU_R_free_Cruickshank_DPI   ? 
_refine.pdbx_overall_SU_R_Blow_DPI               ? 
_refine.pdbx_overall_SU_R_free_Blow_DPI          ? 
# 
_refine_hist.pdbx_refine_id                   'X-RAY DIFFRACTION' 
_refine_hist.cycle_id                         LAST 
_refine_hist.pdbx_number_atoms_protein        0 
_refine_hist.pdbx_number_atoms_nucleic_acid   162 
_refine_hist.pdbx_number_atoms_ligand         96 
_refine_hist.number_atoms_solvent             1 
_refine_hist.number_atoms_total               259 
_refine_hist.d_res_high                       2.00 
_refine_hist.d_res_low                        4.5 
# 
_struct.entry_id                  1VTF 
_struct.title                     
;STRUCTURE OF 5'-D(*(BRO)CP*GP*(BRO)CP*G)-3' IN COMPLEX WITH PROFLAVINE
;
_struct.pdbx_model_details        ? 
_struct.pdbx_CASP_flag            ? 
_struct.pdbx_model_type_details   ? 
# 
_struct_keywords.entry_id        1VTF 
_struct_keywords.pdbx_keywords   DNA 
_struct_keywords.text            'RIGHT HANDED DNA, DOUBLE HELIX, COMPLEXED WITH DRUG, MODIFIED, DEOXYRIBONUCLEIC ACID, DNA' 
# 
loop_
_struct_asym.id 
_struct_asym.pdbx_blank_PDB_chainid_flag 
_struct_asym.pdbx_modified 
_struct_asym.entity_id 
_struct_asym.details 
A N N 1 ? 
B N N 1 ? 
C N N 2 ? 
D N N 2 ? 
E N N 2 ? 
F N N 2 ? 
G N N 2 ? 
H N N 2 ? 
I N N 3 ? 
# 
_struct_ref.id                         1 
_struct_ref.db_name                    PDB 
_struct_ref.db_code                    1VTF 
_struct_ref.pdbx_db_accession          1VTF 
_struct_ref.entity_id                  1 
_struct_ref.pdbx_align_begin           ? 
_struct_ref.pdbx_seq_one_letter_code   ? 
_struct_ref.pdbx_db_isoform            ? 
# 
loop_
_struct_ref_seq.align_id 
_struct_ref_seq.ref_id 
_struct_ref_seq.pdbx_PDB_id_code 
_struct_ref_seq.pdbx_strand_id 
_struct_ref_seq.seq_align_beg 
_struct_ref_seq.pdbx_seq_align_beg_ins_code 
_struct_ref_seq.seq_align_end 
_struct_ref_seq.pdbx_seq_align_end_ins_code 
_struct_ref_seq.pdbx_db_accession 
_struct_ref_seq.db_align_beg 
_struct_ref_seq.pdbx_db_align_beg_ins_code 
_struct_ref_seq.db_align_end 
_struct_ref_seq.pdbx_db_align_end_ins_code 
_struct_ref_seq.pdbx_auth_seq_align_beg 
_struct_ref_seq.pdbx_auth_seq_align_end 
1 1 1VTF A 1 ? 4 ? 1VTF 1 ? 4 ? 1 4 
2 1 1VTF B 1 ? 4 ? 1VTF 5 ? 8 ? 5 8 
# 
_pdbx_struct_assembly.id                   1 
_pdbx_struct_assembly.details              author_defined_assembly 
_pdbx_struct_assembly.method_details       ? 
_pdbx_struct_assembly.oligomeric_details   dimeric 
_pdbx_struct_assembly.oligomeric_count     2 
# 
_pdbx_struct_assembly_gen.assembly_id       1 
_pdbx_struct_assembly_gen.oper_expression   1 
_pdbx_struct_assembly_gen.asym_id_list      A,B,C,D,E,F,G,H,I 
# 
_pdbx_struct_oper_list.id                   1 
_pdbx_struct_oper_list.type                 'identity operation' 
_pdbx_struct_oper_list.name                 1_555 
_pdbx_struct_oper_list.symmetry_operation   x,y,z 
_pdbx_struct_oper_list.matrix[1][1]         1.0000000000 
_pdbx_struct_oper_list.matrix[1][2]         0.0000000000 
_pdbx_struct_oper_list.matrix[1][3]         0.0000000000 
_pdbx_struct_oper_list.vector[1]            0.0000000000 
_pdbx_struct_oper_list.matrix[2][1]         0.0000000000 
_pdbx_struct_oper_list.matrix[2][2]         1.0000000000 
_pdbx_struct_oper_list.matrix[2][3]         0.0000000000 
_pdbx_struct_oper_list.vector[2]            0.0000000000 
_pdbx_struct_oper_list.matrix[3][1]         0.0000000000 
_pdbx_struct_oper_list.matrix[3][2]         0.0000000000 
_pdbx_struct_oper_list.matrix[3][3]         1.0000000000 
_pdbx_struct_oper_list.vector[3]            0.0000000000 
# 
loop_
_struct_conn.id 
_struct_conn.conn_type_id 
_struct_conn.pdbx_leaving_atom_flag 
_struct_conn.pdbx_PDB_id 
_struct_conn.ptnr1_label_asym_id 
_struct_conn.ptnr1_label_comp_id 
_struct_conn.ptnr1_label_seq_id 
_struct_conn.ptnr1_label_atom_id 
_struct_conn.pdbx_ptnr1_label_alt_id 
_struct_conn.pdbx_ptnr1_PDB_ins_code 
_struct_conn.pdbx_ptnr1_standard_comp_id 
_struct_conn.ptnr1_symmetry 
_struct_conn.ptnr2_label_asym_id 
_struct_conn.ptnr2_label_comp_id 
_struct_conn.ptnr2_label_seq_id 
_struct_conn.ptnr2_label_atom_id 
_struct_conn.pdbx_ptnr2_label_alt_id 
_struct_conn.pdbx_ptnr2_PDB_ins_code 
_struct_conn.ptnr1_auth_asym_id 
_struct_conn.ptnr1_auth_comp_id 
_struct_conn.ptnr1_auth_seq_id 
_struct_conn.ptnr2_auth_asym_id 
_struct_conn.ptnr2_auth_comp_id 
_struct_conn.ptnr2_auth_seq_id 
_struct_conn.ptnr2_symmetry 
_struct_conn.pdbx_ptnr3_label_atom_id 
_struct_conn.pdbx_ptnr3_label_seq_id 
_struct_conn.pdbx_ptnr3_label_comp_id 
_struct_conn.pdbx_ptnr3_label_asym_id 
_struct_conn.pdbx_ptnr3_label_alt_id 
_struct_conn.pdbx_ptnr3_PDB_ins_code 
_struct_conn.details 
_struct_conn.pdbx_dist_value 
_struct_conn.pdbx_value_order 
_struct_conn.pdbx_role 
covale1  covale both ? A CBR 1 "O3'" ? ? ? 1_555 A DG  2 P  ? ? A CBR 1 A DG  2 1_555 ? ? ? ? ? ? ?            1.531 ? ? 
covale2  covale both ? A DG  2 "O3'" ? ? ? 1_555 A CBR 3 P  ? ? A DG  2 A CBR 3 1_555 ? ? ? ? ? ? ?            1.645 ? ? 
covale3  covale both ? A CBR 3 "O3'" ? ? ? 1_555 A DG  4 P  ? ? A CBR 3 A DG  4 1_555 ? ? ? ? ? ? ?            1.602 ? ? 
covale4  covale both ? B CBR 1 "O3'" ? ? ? 1_555 B DG  2 P  ? ? B CBR 5 B DG  6 1_555 ? ? ? ? ? ? ?            1.721 ? ? 
covale5  covale both ? B DG  2 "O3'" ? ? ? 1_555 B CBR 3 P  ? ? B DG  6 B CBR 7 1_555 ? ? ? ? ? ? ?            1.655 ? ? 
covale6  covale both ? B CBR 3 "O3'" ? ? ? 1_555 B DG  4 P  ? ? B CBR 7 B DG  8 1_555 ? ? ? ? ? ? ?            1.696 ? ? 
hydrog1  hydrog ?    ? A CBR 1 N3    ? ? ? 1_555 B DG  4 N1 ? ? A CBR 1 B DG  8 1_555 ? ? ? ? ? ? WATSON-CRICK ?     ? ? 
hydrog2  hydrog ?    ? A CBR 1 N4    ? ? ? 1_555 B DG  4 O6 ? ? A CBR 1 B DG  8 1_555 ? ? ? ? ? ? WATSON-CRICK ?     ? ? 
hydrog3  hydrog ?    ? A CBR 1 O2    ? ? ? 1_555 B DG  4 N2 ? ? A CBR 1 B DG  8 1_555 ? ? ? ? ? ? WATSON-CRICK ?     ? ? 
hydrog4  hydrog ?    ? A DG  2 N1    ? ? ? 1_555 B CBR 3 N3 ? ? A DG  2 B CBR 7 1_555 ? ? ? ? ? ? WATSON-CRICK ?     ? ? 
hydrog5  hydrog ?    ? A DG  2 N2    ? ? ? 1_555 B CBR 3 O2 ? ? A DG  2 B CBR 7 1_555 ? ? ? ? ? ? WATSON-CRICK ?     ? ? 
hydrog6  hydrog ?    ? A DG  2 O6    ? ? ? 1_555 B CBR 3 N4 ? ? A DG  2 B CBR 7 1_555 ? ? ? ? ? ? WATSON-CRICK ?     ? ? 
hydrog7  hydrog ?    ? A CBR 3 N3    ? ? ? 1_555 B DG  2 N1 ? ? A CBR 3 B DG  6 1_555 ? ? ? ? ? ? WATSON-CRICK ?     ? ? 
hydrog8  hydrog ?    ? A CBR 3 N4    ? ? ? 1_555 B DG  2 O6 ? ? A CBR 3 B DG  6 1_555 ? ? ? ? ? ? WATSON-CRICK ?     ? ? 
hydrog9  hydrog ?    ? A CBR 3 O2    ? ? ? 1_555 B DG  2 N2 ? ? A CBR 3 B DG  6 1_555 ? ? ? ? ? ? WATSON-CRICK ?     ? ? 
hydrog10 hydrog ?    ? A DG  4 N1    ? ? ? 1_555 B CBR 1 N3 ? ? A DG  4 B CBR 5 1_555 ? ? ? ? ? ? WATSON-CRICK ?     ? ? 
hydrog11 hydrog ?    ? A DG  4 N2    ? ? ? 1_555 B CBR 1 O2 ? ? A DG  4 B CBR 5 1_555 ? ? ? ? ? ? WATSON-CRICK ?     ? ? 
hydrog12 hydrog ?    ? A DG  4 O6    ? ? ? 1_555 B CBR 1 N4 ? ? A DG  4 B CBR 5 1_555 ? ? ? ? ? ? WATSON-CRICK ?     ? ? 
# 
loop_
_struct_conn_type.id 
_struct_conn_type.criteria 
_struct_conn_type.reference 
covale ? ? 
hydrog ? ? 
# 
loop_
_struct_site.id 
_struct_site.pdbx_evidence_code 
_struct_site.pdbx_auth_asym_id 
_struct_site.pdbx_auth_comp_id 
_struct_site.pdbx_auth_seq_id 
_struct_site.pdbx_auth_ins_code 
_struct_site.pdbx_num_residues 
_struct_site.details 
AC1 Software B PRL 9  ? 15 'BINDING SITE FOR RESIDUE PRL B 9'  
AC2 Software B PRL 10 ? 16 'BINDING SITE FOR RESIDUE PRL B 10' 
AC3 Software B PRL 11 ? 15 'BINDING SITE FOR RESIDUE PRL B 11' 
AC4 Software A PRL 12 ? 16 'BINDING SITE FOR RESIDUE PRL A 12' 
AC5 Software A PRL 13 ? 23 'BINDING SITE FOR RESIDUE PRL A 13' 
AC6 Software B PRL 14 ? 21 'BINDING SITE FOR RESIDUE PRL B 14' 
1   ?        ? ?   ?  ? ?  ?                                   
# 
loop_
_struct_site_gen.id 
_struct_site_gen.site_id 
_struct_site_gen.pdbx_num_res 
_struct_site_gen.label_comp_id 
_struct_site_gen.label_asym_id 
_struct_site_gen.label_seq_id 
_struct_site_gen.pdbx_auth_ins_code 
_struct_site_gen.auth_comp_id 
_struct_site_gen.auth_asym_id 
_struct_site_gen.auth_seq_id 
_struct_site_gen.label_atom_id 
_struct_site_gen.label_alt_id 
_struct_site_gen.symmetry 
_struct_site_gen.details 
1   AC1 15 CBR A 1 ? CBR A 1  . ? 3_555 ? 
2   AC1 15 CBR A 3 ? CBR A 3  . ? 5_555 ? 
3   AC1 15 DG  A 4 ? DG  A 4  . ? 5_555 ? 
4   AC1 15 PRL C . ? PRL A 12 . ? 3_555 ? 
5   AC1 15 PRL D . ? PRL A 13 . ? 3_555 ? 
6   AC1 15 CBR B 1 ? CBR B 5  . ? 5_555 ? 
7   AC1 15 CBR B 1 ? CBR B 5  . ? 1_555 ? 
8   AC1 15 DG  B 2 ? DG  B 6  . ? 5_555 ? 
9   AC1 15 CBR B 3 ? CBR B 7  . ? 3_555 ? 
10  AC1 15 CBR B 3 ? CBR B 7  . ? 5_555 ? 
11  AC1 15 DG  B 4 ? DG  B 8  . ? 3_555 ? 
12  AC1 15 PRL F . ? PRL B 10 . ? 6_554 ? 
13  AC1 15 PRL F . ? PRL B 10 . ? 1_555 ? 
14  AC1 15 PRL G . ? PRL B 11 . ? 5_555 ? 
15  AC1 15 PRL H . ? PRL B 14 . ? 5_555 ? 
16  AC2 16 CBR A 1 ? CBR A 1  . ? 3_555 ? 
17  AC2 16 CBR A 1 ? CBR A 1  . ? 4_555 ? 
18  AC2 16 DG  A 2 ? DG  A 2  . ? 3_555 ? 
19  AC2 16 CBR A 3 ? CBR A 3  . ? 3_555 ? 
20  AC2 16 CBR A 3 ? CBR A 3  . ? 5_555 ? 
21  AC2 16 DG  A 4 ? DG  A 4  . ? 3_555 ? 
22  AC2 16 DG  A 4 ? DG  A 4  . ? 5_555 ? 
23  AC2 16 PRL D . ? PRL A 13 . ? 3_555 ? 
24  AC2 16 CBR B 1 ? CBR B 5  . ? 5_555 ? 
25  AC2 16 DG  B 2 ? DG  B 6  . ? 3_555 ? 
26  AC2 16 CBR B 3 ? CBR B 7  . ? 3_555 ? 
27  AC2 16 DG  B 4 ? DG  B 8  . ? 4_555 ? 
28  AC2 16 PRL E . ? PRL B 9  . ? 1_555 ? 
29  AC2 16 PRL E . ? PRL B 9  . ? 5_555 ? 
30  AC2 16 PRL G . ? PRL B 11 . ? 5_555 ? 
31  AC2 16 PRL H . ? PRL B 14 . ? 5_555 ? 
32  AC3 15 CBR A 1 ? CBR A 1  . ? 5_455 ? 
33  AC3 15 DG  A 2 ? DG  A 2  . ? 5_555 ? 
34  AC3 15 PRL C . ? PRL A 12 . ? 5_555 ? 
35  AC3 15 PRL D . ? PRL A 13 . ? 5_555 ? 
36  AC3 15 CBR B 1 ? CBR B 5  . ? 6_554 ? 
37  AC3 15 DG  B 2 ? DG  B 6  . ? 1_555 ? 
38  AC3 15 DG  B 2 ? DG  B 6  . ? 1_455 ? 
39  AC3 15 DG  B 2 ? DG  B 6  . ? 6_554 ? 
40  AC3 15 CBR B 3 ? CBR B 7  . ? 1_555 ? 
41  AC3 15 DG  B 4 ? DG  B 8  . ? 5_555 ? 
42  AC3 15 DG  B 4 ? DG  B 8  . ? 5_455 ? 
43  AC3 15 DG  B 4 ? DG  B 8  . ? 1_555 ? 
44  AC3 15 PRL E . ? PRL B 9  . ? 6_554 ? 
45  AC3 15 PRL F . ? PRL B 10 . ? 6_554 ? 
46  AC3 15 PRL H . ? PRL B 14 . ? 1_555 ? 
47  AC4 16 CBR A 1 ? CBR A 1  . ? 1_455 ? 
48  AC4 16 CBR A 1 ? CBR A 1  . ? 1_555 ? 
49  AC4 16 DG  A 2 ? DG  A 2  . ? 6_454 ? 
50  AC4 16 DG  A 2 ? DG  A 2  . ? 1_455 ? 
51  AC4 16 CBR A 3 ? CBR A 3  . ? 6_554 ? 
52  AC4 16 CBR A 3 ? CBR A 3  . ? 6_454 ? 
53  AC4 16 DG  A 4 ? DG  A 4  . ? 6_454 ? 
54  AC4 16 DG  A 4 ? DG  A 4  . ? 2_454 ? 
55  AC4 16 PRL D . ? PRL A 13 . ? 6_554 ? 
56  AC4 16 PRL D . ? PRL A 13 . ? 1_555 ? 
57  AC4 16 DG  B 2 ? DG  B 6  . ? 2_554 ? 
58  AC4 16 CBR B 3 ? CBR B 7  . ? 6_554 ? 
59  AC4 16 DG  B 4 ? DG  B 8  . ? 6_554 ? 
60  AC4 16 PRL E . ? PRL B 9  . ? 2_554 ? 
61  AC4 16 PRL G . ? PRL B 11 . ? 6_554 ? 
62  AC4 16 PRL H . ? PRL B 14 . ? 6_554 ? 
63  AC5 23 CBR A 1 ? CBR A 1  . ? 5_555 ? 
64  AC5 23 CBR A 1 ? CBR A 1  . ? 1_555 ? 
65  AC5 23 DG  A 2 ? DG  A 2  . ? 1_455 ? 
66  AC5 23 DG  A 2 ? DG  A 2  . ? 1_555 ? 
67  AC5 23 CBR A 3 ? CBR A 3  . ? 1_555 ? 
68  AC5 23 CBR A 3 ? CBR A 3  . ? 6_554 ? 
69  AC5 23 DG  A 4 ? DG  A 4  . ? 6_554 ? 
70  AC5 23 DG  A 4 ? DG  A 4  . ? 6_454 ? 
71  AC5 23 DG  A 4 ? DG  A 4  . ? 1_555 ? 
72  AC5 23 PRL C . ? PRL A 12 . ? 5_555 ? 
73  AC5 23 PRL C . ? PRL A 12 . ? 1_555 ? 
74  AC5 23 CBR B 1 ? CBR B 5  . ? 6_554 ? 
75  AC5 23 CBR B 1 ? CBR B 5  . ? 6_444 ? 
76  AC5 23 DG  B 2 ? DG  B 6  . ? 1_445 ? 
77  AC5 23 DG  B 2 ? DG  B 6  . ? 6_554 ? 
78  AC5 23 CBR B 3 ? CBR B 7  . ? 1_445 ? 
79  AC5 23 CBR B 3 ? CBR B 7  . ? 1_555 ? 
80  AC5 23 DG  B 4 ? DG  B 8  . ? 5_445 ? 
81  AC5 23 DG  B 4 ? DG  B 8  . ? 1_555 ? 
82  AC5 23 PRL E . ? PRL B 9  . ? 2_554 ? 
83  AC5 23 PRL F . ? PRL B 10 . ? 2_554 ? 
84  AC5 23 PRL G . ? PRL B 11 . ? 6_554 ? 
85  AC5 23 PRL H . ? PRL B 14 . ? 6_554 ? 
86  AC6 21 CBR A 1 ? CBR A 1  . ? 3_555 ? 
87  AC6 21 DG  A 2 ? DG  A 2  . ? 5_565 ? 
88  AC6 21 DG  A 2 ? DG  A 2  . ? 3_555 ? 
89  AC6 21 CBR A 3 ? CBR A 3  . ? 5_555 ? 
90  AC6 21 DG  A 4 ? DG  A 4  . ? 5_555 ? 
91  AC6 21 DG  A 4 ? DG  A 4  . ? 1_565 ? 
92  AC6 21 DG  A 4 ? DG  A 4  . ? 1_555 ? 
93  AC6 21 PRL C . ? PRL A 12 . ? 3_555 ? 
94  AC6 21 PRL C . ? PRL A 12 . ? 5_555 ? 
95  AC6 21 PRL D . ? PRL A 13 . ? 5_555 ? 
96  AC6 21 CBR B 1 ? CBR B 5  . ? 1_555 ? 
97  AC6 21 CBR B 1 ? CBR B 5  . ? 1_455 ? 
98  AC6 21 DG  B 2 ? DG  B 6  . ? 1_555 ? 
99  AC6 21 DG  B 2 ? DG  B 6  . ? 5_455 ? 
100 AC6 21 CBR B 3 ? CBR B 7  . ? 5_555 ? 
101 AC6 21 CBR B 3 ? CBR B 7  . ? 5_455 ? 
102 AC6 21 DG  B 4 ? DG  B 8  . ? 5_555 ? 
103 AC6 21 DG  B 4 ? DG  B 8  . ? 3_455 ? 
104 AC6 21 PRL E . ? PRL B 9  . ? 6_554 ? 
105 AC6 21 PRL F . ? PRL B 10 . ? 6_554 ? 
106 AC6 21 PRL G . ? PRL B 11 . ? 1_555 ? 
# 
loop_
_pdbx_validate_symm_contact.id 
_pdbx_validate_symm_contact.PDB_model_num 
_pdbx_validate_symm_contact.auth_atom_id_1 
_pdbx_validate_symm_contact.auth_asym_id_1 
_pdbx_validate_symm_contact.auth_comp_id_1 
_pdbx_validate_symm_contact.auth_seq_id_1 
_pdbx_validate_symm_contact.PDB_ins_code_1 
_pdbx_validate_symm_contact.label_alt_id_1 
_pdbx_validate_symm_contact.site_symmetry_1 
_pdbx_validate_symm_contact.auth_atom_id_2 
_pdbx_validate_symm_contact.auth_asym_id_2 
_pdbx_validate_symm_contact.auth_comp_id_2 
_pdbx_validate_symm_contact.auth_seq_id_2 
_pdbx_validate_symm_contact.PDB_ins_code_2 
_pdbx_validate_symm_contact.label_alt_id_2 
_pdbx_validate_symm_contact.site_symmetry_2 
_pdbx_validate_symm_contact.dist 
1   1 C6    B CBR 5  ? ? 1_555 C6    B CBR 7  ? ? 5_555 0.05 
2   1 C5    B CBR 5  ? ? 1_555 C5    B CBR 7  ? ? 5_555 0.11 
3   1 N1    B CBR 5  ? ? 1_555 N1    B CBR 7  ? ? 5_555 0.16 
4   1 "C2'" A CBR 1  ? ? 1_555 "C2'" A CBR 3  ? ? 6_554 0.19 
5   1 N1    A CBR 1  ? ? 1_555 N1    A CBR 3  ? ? 6_554 0.20 
6   1 C2    B CBR 5  ? ? 1_555 C2    B CBR 7  ? ? 5_555 0.21 
7   1 C2    A CBR 1  ? ? 1_555 C2    A CBR 3  ? ? 6_554 0.21 
8   1 O2    B CBR 5  ? ? 1_555 O2    B CBR 7  ? ? 5_555 0.21 
9   1 "O3'" A CBR 1  ? ? 1_555 "O3'" A CBR 3  ? ? 6_554 0.21 
10  1 "C1'" A CBR 1  ? ? 1_555 "C1'" A CBR 3  ? ? 6_554 0.22 
11  1 "C3'" A CBR 1  ? ? 1_555 "C3'" A CBR 3  ? ? 6_554 0.22 
12  1 N3    A CBR 1  ? ? 1_555 N3    A CBR 3  ? ? 6_554 0.22 
13  1 O6    B DG  6  ? ? 1_555 O6    B DG  8  ? ? 5_555 0.22 
14  1 C4    B CBR 5  ? ? 1_555 C4    B CBR 7  ? ? 5_555 0.23 
15  1 "C1'" B CBR 5  ? ? 1_555 "C1'" B CBR 7  ? ? 5_555 0.23 
16  1 BR    B CBR 5  ? ? 1_555 BR    B CBR 7  ? ? 5_555 0.25 
17  1 BR    A CBR 1  ? ? 1_555 BR    A CBR 3  ? ? 6_554 0.25 
18  1 C6    A DG  2  ? ? 1_555 C6    A DG  4  ? ? 6_554 0.25 
19  1 OP2   B DG  6  ? ? 1_555 OP2   B DG  8  ? ? 5_555 0.26 
20  1 C5    A DG  2  ? ? 1_555 C5    A DG  4  ? ? 6_554 0.26 
21  1 N3    B CBR 5  ? ? 1_555 N3    B CBR 7  ? ? 5_555 0.27 
22  1 O6    A DG  2  ? ? 1_555 O6    A DG  4  ? ? 6_554 0.28 
23  1 C6    B DG  6  ? ? 1_555 C6    B DG  8  ? ? 5_555 0.28 
24  1 "C2'" B CBR 5  ? ? 1_555 "C2'" B CBR 7  ? ? 5_555 0.28 
25  1 P     B DG  6  ? ? 1_555 P     B DG  8  ? ? 5_555 0.30 
26  1 "O4'" B CBR 5  ? ? 1_555 "O4'" B CBR 7  ? ? 5_555 0.30 
27  1 O2    A CBR 1  ? ? 1_555 O2    A CBR 3  ? ? 6_554 0.30 
28  1 "C4'" A CBR 1  ? ? 1_555 "C4'" A CBR 3  ? ? 6_554 0.31 
29  1 C4    A CBR 1  ? ? 1_555 C4    A CBR 3  ? ? 6_554 0.32 
30  1 "O4'" A CBR 1  ? ? 1_555 "O4'" A CBR 3  ? ? 6_554 0.32 
31  1 C5    B DG  6  ? ? 1_555 C3    B PRL 9  ? ? 6_554 0.33 
32  1 "C3'" B CBR 5  ? ? 1_555 "C3'" B CBR 7  ? ? 5_555 0.33 
33  1 N2    B DG  8  ? ? 1_555 N10   B PRL 9  ? ? 2_554 0.34 
34  1 N10   A PRL 13 ? ? 1_555 N10   B PRL 14 ? ? 6_554 0.35 
35  1 O2    A CBR 3  ? ? 1_555 C8    B PRL 9  ? ? 6_554 0.35 
36  1 C5    B DG  6  ? ? 1_555 C5    B DG  8  ? ? 5_555 0.35 
37  1 C6    A CBR 1  ? ? 1_555 C6    A CBR 3  ? ? 6_554 0.36 
38  1 N7    A DG  2  ? ? 1_555 N7    A DG  4  ? ? 6_554 0.37 
39  1 C4    A DG  2  ? ? 1_555 C4    A DG  4  ? ? 6_554 0.37 
40  1 "C4'" B CBR 5  ? ? 1_555 "C4'" B CBR 7  ? ? 5_555 0.37 
41  1 OP1   B DG  6  ? ? 1_555 OP1   B DG  8  ? ? 5_555 0.37 
42  1 N9    A DG  2  ? ? 1_555 N9    A DG  4  ? ? 6_554 0.38 
43  1 N4    B CBR 5  ? ? 1_555 N4    B CBR 7  ? ? 5_555 0.40 
44  1 C8    A DG  2  ? ? 1_555 C8    A DG  4  ? ? 6_554 0.41 
45  1 N4    A CBR 1  ? ? 1_555 N4    A CBR 3  ? ? 6_554 0.42 
46  1 C5    A CBR 1  ? ? 1_555 C5    A CBR 3  ? ? 6_554 0.43 
47  1 N1    A DG  2  ? ? 1_555 N1    A DG  4  ? ? 6_554 0.43 
48  1 N7    B DG  6  ? ? 1_555 N15   B PRL 9  ? ? 6_554 0.43 
49  1 C5    B DG  8  ? ? 1_555 C3    B PRL 9  ? ? 2_554 0.44 
50  1 C14   A PRL 13 ? ? 1_555 C11   B PRL 14 ? ? 6_554 0.44 
51  1 P     A DG  2  ? ? 1_555 P     A DG  4  ? ? 6_554 0.44 
52  1 "O3'" B CBR 5  ? ? 1_555 "O3'" B CBR 7  ? ? 5_555 0.45 
53  1 "C5'" B CBR 5  ? ? 1_555 "C5'" B CBR 7  ? ? 5_555 0.46 
54  1 "O5'" A CBR 1  ? ? 1_555 "O5'" A CBR 3  ? ? 6_554 0.47 
55  1 "C5'" A CBR 1  ? ? 1_555 "C5'" A CBR 3  ? ? 6_554 0.48 
56  1 N1    B DG  6  ? ? 1_555 N1    B DG  8  ? ? 5_555 0.48 
57  1 N10   A PRL 12 ? ? 1_555 C1    B PRL 11 ? ? 6_554 0.50 
58  1 O2    A CBR 1  ? ? 1_555 C8    B PRL 9  ? ? 2_554 0.50 
59  1 "O3'" A DG  2  ? ? 1_555 "O3'" A DG  4  ? ? 6_554 0.50 
60  1 "O4'" A DG  2  ? ? 1_555 "O4'" A DG  4  ? ? 6_554 0.50 
61  1 "C1'" A DG  2  ? ? 1_555 "C1'" A DG  4  ? ? 6_554 0.51 
62  1 C1    A PRL 13 ? ? 1_555 C7    B PRL 14 ? ? 6_554 0.51 
63  1 C7    A PRL 13 ? ? 1_555 C1    B PRL 14 ? ? 6_554 0.52 
64  1 "C2'" A DG  2  ? ? 1_555 "C2'" A DG  4  ? ? 6_554 0.53 
65  1 "C3'" A DG  2  ? ? 1_555 "C3'" A DG  4  ? ? 6_554 0.53 
66  1 C2    B DG  6  ? ? 1_555 C11   B PRL 9  ? ? 6_554 0.54 
67  1 C4    B DG  6  ? ? 1_555 C4    B DG  8  ? ? 5_555 0.54 
68  1 C2    B CBR 5  ? ? 1_555 C4    B PRL 10 ? ? 6_554 0.54 
69  1 N7    B DG  6  ? ? 1_555 N7    B DG  8  ? ? 5_555 0.54 
70  1 C5    A PRL 13 ? ? 1_555 C4    B PRL 14 ? ? 6_554 0.55 
71  1 O2    B CBR 5  ? ? 1_555 C11   B PRL 10 ? ? 6_554 0.56 
72  1 N3    A DG  2  ? ? 1_555 N3    A DG  4  ? ? 6_554 0.57 
73  1 "C4'" A DG  2  ? ? 1_555 "C4'" A DG  4  ? ? 6_554 0.57 
74  1 C6    B DG  8  ? ? 1_555 C2    B PRL 9  ? ? 2_554 0.57 
75  1 "C5'" A DG  2  ? ? 1_555 "C5'" A DG  4  ? ? 6_554 0.57 
76  1 O2    B CBR 7  ? ? 1_555 C11   B PRL 10 ? ? 2_554 0.58 
77  1 C2    A DG  2  ? ? 1_555 C2    A DG  4  ? ? 6_554 0.60 
78  1 C11   A PRL 13 ? ? 1_555 C14   B PRL 14 ? ? 6_554 0.60 
79  1 N2    A DG  4  ? ? 1_555 C9    B PRL 10 ? ? 6_554 0.60 
80  1 C7    A PRL 12 ? ? 1_555 N10   B PRL 11 ? ? 6_554 0.61 
81  1 N2    B DG  6  ? ? 1_555 N10   B PRL 9  ? ? 6_554 0.62 
82  1 "O5'" B DG  6  ? ? 1_555 "O5'" B DG  8  ? ? 5_555 0.62 
83  1 C2    B DG  8  ? ? 1_555 C11   B PRL 9  ? ? 2_554 0.62 
84  1 C6    A PRL 13 ? ? 1_555 C2    B PRL 14 ? ? 6_554 0.62 
85  1 N3    B CBR 5  ? ? 1_555 C2    B PRL 10 ? ? 6_554 0.63 
86  1 N15   A PRL 13 ? ? 1_555 C14   B PRL 10 ? ? 2_554 0.63 
87  1 N3    B CBR 7  ? ? 1_555 C2    B PRL 10 ? ? 2_554 0.63 
88  1 C4    A PRL 13 ? ? 1_555 C6    B PRL 10 ? ? 2_554 0.64 
89  1 C2    B DG  6  ? ? 1_555 C2    B DG  8  ? ? 5_555 0.64 
90  1 C14   A PRL 12 ? ? 1_555 C13   B PRL 11 ? ? 6_554 0.65 
91  1 C8    B DG  6  ? ? 1_555 N9    B DG  8  ? ? 5_555 0.65 
92  1 N3    B DG  6  ? ? 1_555 N3    B DG  8  ? ? 5_555 0.66 
93  1 C5    A PRL 12 ? ? 1_555 C4    B PRL 11 ? ? 6_554 0.66 
94  1 "O4'" B DG  6  ? ? 1_555 "C4'" B DG  8  ? ? 5_555 0.66 
95  1 C3    A PRL 13 ? ? 1_555 C5    B PRL 10 ? ? 2_554 0.66 
96  1 OP1   A DG  2  ? ? 1_555 OP1   A DG  4  ? ? 6_554 0.68 
97  1 C2    B CBR 7  ? ? 1_555 C3    B PRL 10 ? ? 2_554 0.69 
98  1 C12   A PRL 13 ? ? 1_555 C13   B PRL 14 ? ? 6_554 0.70 
99  1 C9    A PRL 13 ? ? 1_555 C12   B PRL 14 ? ? 6_554 0.71 
100 1 C12   A PRL 13 ? ? 1_555 C9    B PRL 14 ? ? 6_554 0.71 
101 1 C8    B DG  6  ? ? 1_555 C8    B DG  8  ? ? 5_555 0.72 
102 1 C6    B DG  6  ? ? 1_555 C2    B PRL 9  ? ? 6_554 0.72 
103 1 C12   A PRL 12 ? ? 1_555 C9    B PRL 11 ? ? 6_554 0.72 
104 1 C12   A PRL 12 ? ? 1_555 C13   B PRL 11 ? ? 6_554 0.72 
105 1 C2    B CBR 7  ? ? 1_555 C4    B PRL 10 ? ? 2_554 0.73 
106 1 N9    B DG  6  ? ? 1_555 N9    B DG  8  ? ? 5_555 0.73 
107 1 N16   B PRL 10 ? ? 1_555 C14   B PRL 14 ? ? 5_555 0.73 
108 1 C11   A PRL 13 ? ? 1_555 N16   B PRL 10 ? ? 2_554 0.76 
109 1 C4    A PRL 13 ? ? 1_555 C5    B PRL 14 ? ? 6_554 0.76 
110 1 N2    A DG  2  ? ? 1_555 C9    B PRL 10 ? ? 2_554 0.76 
111 1 N10   A PRL 13 ? ? 1_555 N16   B PRL 10 ? ? 2_554 0.76 
112 1 N3    B CBR 5  ? ? 1_555 C3    B PRL 10 ? ? 6_554 0.77 
113 1 N1    B DG  8  ? ? 1_555 C13   B PRL 9  ? ? 2_554 0.77 
114 1 N7    B DG  8  ? ? 1_555 N15   B PRL 9  ? ? 2_554 0.77 
115 1 O6    B DG  6  ? ? 1_555 C2    B PRL 9  ? ? 6_554 0.79 
116 1 N2    B DG  6  ? ? 1_555 N2    B DG  8  ? ? 5_555 0.79 
117 1 N1    B DG  6  ? ? 1_555 C13   B PRL 9  ? ? 6_554 0.79 
118 1 C13   A PRL 13 ? ? 1_555 C12   B PRL 14 ? ? 6_554 0.82 
119 1 C2    B CBR 5  ? ? 1_555 C3    B PRL 10 ? ? 6_554 0.83 
120 1 N2    A DG  2  ? ? 1_555 N2    A DG  4  ? ? 6_554 0.84 
121 1 N16   B PRL 10 ? ? 1_555 N10   B PRL 14 ? ? 5_555 0.85 
122 1 C9    A PRL 13 ? ? 1_555 C9    B PRL 14 ? ? 6_554 0.85 
123 1 C6    A PRL 13 ? ? 1_555 C3    B PRL 14 ? ? 6_554 0.87 
124 1 C6    B PRL 10 ? ? 1_555 C5    B PRL 14 ? ? 5_555 0.87 
125 1 C3    A PRL 13 ? ? 1_555 N16   B PRL 14 ? ? 6_554 0.87 
126 1 O6    B DG  8  ? ? 1_555 C2    B PRL 9  ? ? 2_554 0.87 
127 1 C8    A PRL 12 ? ? 1_555 C14   B PRL 11 ? ? 6_554 0.87 
128 1 C9    A PRL 12 ? ? 1_555 C9    B PRL 11 ? ? 6_554 0.88 
129 1 OP1   A CBR 3  ? ? 1_555 C2    A PRL 12 ? ? 5_545 0.88 
130 1 O2    B CBR 5  ? ? 1_555 C4    B PRL 10 ? ? 6_554 0.88 
131 1 C4    A PRL 13 ? ? 1_555 C5    B PRL 10 ? ? 2_554 0.88 
132 1 O2    B CBR 7  ? ? 1_555 C4    B PRL 10 ? ? 2_554 0.89 
133 1 C5    A PRL 12 ? ? 1_555 C11   B PRL 11 ? ? 6_554 0.89 
134 1 O2    A CBR 1  ? ? 1_555 C12   B PRL 9  ? ? 2_554 0.89 
135 1 C11   A PRL 13 ? ? 1_555 C5    B PRL 14 ? ? 6_554 0.90 
136 1 N1    B DG  8  ? ? 1_555 C11   B PRL 9  ? ? 2_554 0.90 
137 1 C2    A PRL 13 ? ? 1_555 C6    B PRL 14 ? ? 6_554 0.90 
138 1 N10   A PRL 12 ? ? 1_555 C2    B PRL 11 ? ? 6_554 0.90 
139 1 C8    A PRL 12 ? ? 1_555 C12   B PRL 11 ? ? 6_554 0.91 
140 1 C6    B CBR 7  ? ? 1_555 N15   B PRL 10 ? ? 2_554 0.91 
141 1 "C2'" B DG  6  ? ? 1_555 "C3'" B DG  8  ? ? 5_555 0.94 
142 1 C4    B DG  6  ? ? 1_555 C4    B PRL 9  ? ? 6_554 0.94 
143 1 C5    B PRL 10 ? ? 1_555 C6    B PRL 14 ? ? 5_555 0.94 
144 1 C6    B CBR 5  ? ? 1_555 N15   B PRL 10 ? ? 6_554 0.95 
145 1 "C5'" A DG  2  ? ? 1_555 "C4'" A DG  4  ? ? 6_554 0.95 
146 1 C5    B CBR 5  ? ? 1_555 N15   B PRL 10 ? ? 6_554 0.95 
147 1 N3    B CBR 7  ? ? 1_555 C3    B PRL 10 ? ? 2_554 0.96 
148 1 C4    B DG  6  ? ? 1_555 N3    B DG  8  ? ? 5_555 0.96 
149 1 N1    B DG  6  ? ? 1_555 C11   B PRL 9  ? ? 6_554 0.97 
150 1 "O4'" A DG  2  ? ? 1_555 "C1'" A DG  4  ? ? 6_554 0.97 
151 1 C8    A PRL 13 ? ? 1_555 C1    B PRL 14 ? ? 6_554 0.97 
152 1 "C4'" B DG  6  ? ? 1_555 "C4'" B DG  8  ? ? 5_555 0.97 
153 1 "C5'" B DG  6  ? ? 1_555 "O5'" B DG  8  ? ? 5_555 0.98 
154 1 C5    B PRL 10 ? ? 1_555 C5    B PRL 14 ? ? 5_555 0.99 
155 1 C5    B CBR 7  ? ? 1_555 N15   B PRL 10 ? ? 2_554 1.01 
156 1 N2    B DG  6  ? ? 1_555 C14   B PRL 9  ? ? 6_554 1.01 
157 1 "O4'" B DG  6  ? ? 1_555 "O4'" B DG  8  ? ? 5_555 1.01 
158 1 C5    B DG  8  ? ? 1_555 N15   B PRL 9  ? ? 2_554 1.01 
159 1 N9    A DG  2  ? ? 1_555 C8    A DG  4  ? ? 6_554 1.01 
160 1 "C1'" B DG  6  ? ? 1_555 "C1'" B DG  8  ? ? 5_555 1.02 
161 1 "C5'" A CBR 1  ? ? 1_555 "O5'" A CBR 3  ? ? 6_554 1.02 
162 1 N7    B DG  6  ? ? 1_555 C8    B DG  8  ? ? 5_555 1.02 
163 1 C2    B DG  6  ? ? 1_555 N10   B PRL 9  ? ? 6_554 1.02 
164 1 C14   B PRL 10 ? ? 1_555 N16   B PRL 14 ? ? 5_555 1.03 
165 1 C2    A CBR 3  ? ? 1_555 C8    B PRL 9  ? ? 6_554 1.03 
166 1 C5    A PRL 13 ? ? 1_555 C11   B PRL 14 ? ? 6_554 1.03 
167 1 C7    A PRL 13 ? ? 1_555 C2    B PRL 14 ? ? 6_554 1.03 
168 1 N3    A CBR 3  ? ? 1_555 C9    B PRL 9  ? ? 6_554 1.04 
169 1 C3    A PRL 13 ? ? 1_555 C6    B PRL 14 ? ? 6_554 1.04 
170 1 C8    A DG  2  ? ? 1_555 N7    A DG  4  ? ? 6_554 1.04 
171 1 "C3'" A DG  2  ? ? 1_555 "C2'" A DG  4  ? ? 6_554 1.05 
172 1 C6    A DG  2  ? ? 1_555 O6    A DG  4  ? ? 6_554 1.05 
173 1 O6    B DG  8  ? ? 1_555 C1    B PRL 9  ? ? 2_554 1.06 
174 1 N15   A PRL 13 ? ? 1_555 N10   B PRL 10 ? ? 2_554 1.06 
175 1 "C5'" B CBR 5  ? ? 1_555 "O5'" B CBR 7  ? ? 5_555 1.06 
176 1 C1    A PRL 13 ? ? 1_555 C8    B PRL 14 ? ? 6_554 1.07 
177 1 C3    A PRL 13 ? ? 1_555 C14   B PRL 10 ? ? 2_554 1.08 
178 1 O2    A CBR 3  ? ? 1_555 C12   B PRL 9  ? ? 6_554 1.08 
179 1 N3    A CBR 1  ? ? 1_555 C9    B PRL 9  ? ? 2_554 1.09 
180 1 C7    A PRL 12 ? ? 1_555 C14   B PRL 11 ? ? 6_554 1.09 
181 1 C6    B DG  6  ? ? 1_555 C3    B PRL 9  ? ? 6_554 1.10 
182 1 O2    A CBR 1  ? ? 1_555 C2    A CBR 3  ? ? 6_554 1.10 
183 1 N16   A PRL 13 ? ? 1_555 C3    B PRL 14 ? ? 6_554 1.11 
184 1 C14   A PRL 12 ? ? 1_555 C11   B PRL 11 ? ? 6_554 1.11 
185 1 C6    A PRL 12 ? ? 1_555 N10   B PRL 11 ? ? 6_554 1.12 
186 1 "C3'" B DG  6  ? ? 1_555 "C3'" B DG  8  ? ? 5_555 1.12 
187 1 N3    B DG  6  ? ? 1_555 C2    B DG  8  ? ? 5_555 1.12 
188 1 C4    A DG  2  ? ? 1_555 C5    A DG  4  ? ? 6_554 1.13 
189 1 C5    B DG  6  ? ? 1_555 N15   B PRL 9  ? ? 6_554 1.13 
190 1 "C4'" B CBR 5  ? ? 1_555 "C5'" B CBR 7  ? ? 5_555 1.14 
191 1 C5    B DG  6  ? ? 1_555 C4    B DG  8  ? ? 5_555 1.14 
192 1 C6    B DG  8  ? ? 1_555 C3    B PRL 9  ? ? 2_554 1.14 
193 1 N10   B PRL 10 ? ? 1_555 N16   B PRL 14 ? ? 5_555 1.14 
194 1 N3    B DG  8  ? ? 1_555 C4    B PRL 9  ? ? 2_554 1.15 
195 1 C2    B CBR 5  ? ? 1_555 O2    B CBR 7  ? ? 5_555 1.16 
196 1 "C5'" B DG  6  ? ? 1_555 "C5'" B DG  8  ? ? 5_555 1.16 
197 1 C2    A PRL 13 ? ? 1_555 C7    B PRL 14 ? ? 6_554 1.16 
198 1 N16   A PRL 13 ? ? 1_555 N15   B PRL 14 ? ? 6_554 1.16 
199 1 OP1   A DG  2  ? ? 1_555 P     A DG  4  ? ? 6_554 1.16 
200 1 N3    A DG  2  ? ? 1_555 C4    A DG  4  ? ? 6_554 1.17 
201 1 C13   A PRL 13 ? ? 1_555 C8    B PRL 14 ? ? 6_554 1.17 
202 1 C2    A CBR 1  ? ? 1_555 N3    A CBR 3  ? ? 6_554 1.17 
203 1 N3    B CBR 5  ? ? 1_555 C2    B CBR 7  ? ? 5_555 1.17 
204 1 C8    A PRL 13 ? ? 1_555 C13   B PRL 14 ? ? 6_554 1.17 
205 1 O6    B DG  6  ? ? 1_555 C6    B DG  8  ? ? 5_555 1.18 
206 1 O6    B DG  6  ? ? 1_555 C1    B PRL 9  ? ? 6_554 1.18 
207 1 C2    B DG  8  ? ? 1_555 C4    B PRL 9  ? ? 2_554 1.18 
208 1 C14   A PRL 13 ? ? 1_555 C13   B PRL 14 ? ? 6_554 1.18 
209 1 "C2'" B DG  6  ? ? 1_555 "C2'" B DG  8  ? ? 5_555 1.19 
210 1 OP1   A CBR 3  ? ? 1_555 C1    A PRL 12 ? ? 5_545 1.19 
211 1 C13   A PRL 13 ? ? 1_555 C14   B PRL 14 ? ? 6_554 1.19 
212 1 N7    B DG  6  ? ? 1_555 C5    B DG  8  ? ? 5_555 1.19 
213 1 C6    B DG  8  ? ? 1_555 C1    B PRL 9  ? ? 2_554 1.19 
214 1 "C1'" B DG  6  ? ? 1_555 "C2'" B DG  8  ? ? 5_555 1.19 
215 1 C14   A PRL 13 ? ? 1_555 N10   B PRL 14 ? ? 6_554 1.20 
216 1 C14   A PRL 12 ? ? 1_555 C1    B PRL 11 ? ? 6_554 1.20 
217 1 C4    A CBR 1  ? ? 1_555 N4    A CBR 3  ? ? 6_554 1.20 
218 1 N15   A PRL 13 ? ? 1_555 N16   B PRL 14 ? ? 6_554 1.20 
219 1 C11   A PRL 12 ? ? 1_555 C1    B PRL 11 ? ? 6_554 1.20 
220 1 "O5'" B CBR 5  ? ? 1_555 "O5'" B CBR 7  ? ? 5_555 1.20 
221 1 N3    B DG  6  ? ? 1_555 C4    B PRL 9  ? ? 6_554 1.21 
222 1 C2    A CBR 1  ? ? 1_555 C8    B PRL 9  ? ? 2_554 1.22 
223 1 "O5'" A DG  2  ? ? 1_555 "C5'" A DG  4  ? ? 6_554 1.22 
224 1 "C1'" B CBR 5  ? ? 1_555 "O4'" B CBR 7  ? ? 5_555 1.23 
225 1 C4    B CBR 5  ? ? 1_555 N3    B CBR 7  ? ? 5_555 1.23 
226 1 N2    B DG  8  ? ? 1_555 C14   B PRL 9  ? ? 2_554 1.23 
227 1 N3    A CBR 1  ? ? 1_555 C4    A CBR 3  ? ? 6_554 1.23 
228 1 C2    B DG  6  ? ? 1_555 N2    B DG  8  ? ? 5_555 1.23 
229 1 N16   A PRL 12 ? ? 1_555 N16   B PRL 9  ? ? 2_554 1.23 
230 1 C6    A CBR 1  ? ? 1_555 C5    A CBR 3  ? ? 6_554 1.23 
231 1 N9    B DG  6  ? ? 1_555 C4    B DG  8  ? ? 5_555 1.24 
232 1 N10   A PRL 13 ? ? 1_555 C14   B PRL 14 ? ? 6_554 1.24 
233 1 C8    B DG  8  ? ? 1_555 N15   B PRL 9  ? ? 2_554 1.24 
234 1 C4    B DG  8  ? ? 1_555 C4    B PRL 9  ? ? 2_554 1.24 
235 1 N2    A DG  4  ? ? 1_555 C13   B PRL 10 ? ? 6_554 1.24 
236 1 "C1'" A DG  2  ? ? 1_555 N9    A DG  4  ? ? 6_554 1.24 
237 1 "C2'" B CBR 5  ? ? 1_555 "C3'" B CBR 7  ? ? 5_555 1.25 
238 1 "C4'" B DG  6  ? ? 1_555 "C5'" B DG  8  ? ? 5_555 1.25 
239 1 "C4'" A DG  2  ? ? 1_555 "O4'" A DG  4  ? ? 6_554 1.25 
240 1 "O4'" B CBR 5  ? ? 1_555 "C4'" B CBR 7  ? ? 5_555 1.25 
241 1 N4    B CBR 5  ? ? 1_555 C4    B CBR 7  ? ? 5_555 1.25 
242 1 "O3'" A CBR 1  ? ? 1_555 "C3'" A CBR 3  ? ? 6_554 1.26 
243 1 N1    A CBR 1  ? ? 1_555 C6    A CBR 3  ? ? 6_554 1.26 
244 1 C2    B DG  8  ? ? 1_555 N10   B PRL 9  ? ? 2_554 1.26 
245 1 C6    B DG  6  ? ? 1_555 C1    B PRL 9  ? ? 6_554 1.26 
246 1 "C1'" B DG  6  ? ? 1_555 "O4'" B DG  8  ? ? 5_555 1.27 
247 1 C11   A PRL 13 ? ? 1_555 C6    B PRL 10 ? ? 2_554 1.27 
248 1 C2    B CBR 5  ? ? 1_555 N1    B CBR 7  ? ? 5_555 1.29 
249 1 C5    B PRL 10 ? ? 1_555 N16   B PRL 14 ? ? 5_555 1.29 
250 1 C5    A PRL 13 ? ? 1_555 C3    B PRL 14 ? ? 6_554 1.29 
251 1 OP2   A DG  2  ? ? 1_555 OP2   A DG  4  ? ? 6_554 1.29 
252 1 C6    A PRL 12 ? ? 1_555 C11   B PRL 11 ? ? 6_554 1.29 
253 1 C2    A PRL 13 ? ? 1_555 N16   B PRL 14 ? ? 6_554 1.29 
254 1 C5    B CBR 5  ? ? 1_555 C6    B CBR 7  ? ? 5_555 1.30 
255 1 N16   A PRL 13 ? ? 1_555 C2    B PRL 14 ? ? 6_554 1.30 
256 1 "C1'" A CBR 1  ? ? 1_555 N1    A CBR 3  ? ? 6_554 1.31 
257 1 C6    B DG  6  ? ? 1_555 N1    B DG  8  ? ? 5_555 1.31 
258 1 N1    A DG  2  ? ? 1_555 C6    A DG  4  ? ? 6_554 1.31 
259 1 C5    A DG  2  ? ? 1_555 C6    A DG  4  ? ? 6_554 1.32 
260 1 C6    B DG  6  ? ? 1_555 O6    B DG  8  ? ? 5_555 1.32 
261 1 "C4'" A CBR 1  ? ? 1_555 "C5'" A CBR 3  ? ? 6_554 1.32 
262 1 O2    A CBR 3  ? ? 1_555 C7    B PRL 9  ? ? 6_554 1.33 
263 1 C5    B DG  6  ? ? 1_555 C4    B PRL 9  ? ? 6_554 1.33 
264 1 C5    A DG  2  ? ? 1_555 N7    A DG  4  ? ? 6_554 1.33 
265 1 N1    B CBR 5  ? ? 1_555 "C1'" B CBR 7  ? ? 5_555 1.34 
266 1 N2    A DG  2  ? ? 1_555 C13   B PRL 10 ? ? 2_554 1.34 
267 1 P     A DG  2  ? ? 1_555 "O3'" A CBR 3  ? ? 6_554 1.34 
268 1 C6    B CBR 5  ? ? 1_555 N1    B CBR 7  ? ? 5_555 1.34 
269 1 O2    B CBR 5  ? ? 1_555 C2    B CBR 7  ? ? 5_555 1.34 
270 1 N9    B DG  6  ? ? 1_555 "C1'" B DG  8  ? ? 5_555 1.35 
271 1 N1    A CBR 1  ? ? 1_555 C2    A CBR 3  ? ? 6_554 1.35 
272 1 "C4'" A DG  2  ? ? 1_555 "C3'" A DG  4  ? ? 6_554 1.36 
273 1 N2    A DG  2  ? ? 1_555 C2    A DG  4  ? ? 6_554 1.36 
274 1 "O3'" B DG  6  ? ? 1_555 "O3'" B DG  8  ? ? 5_555 1.36 
275 1 N16   B PRL 10 ? ? 1_555 C5    B PRL 14 ? ? 5_555 1.36 
276 1 C2    A DG  2  ? ? 1_555 N1    A DG  4  ? ? 6_554 1.37 
277 1 C6    B CBR 5  ? ? 1_555 C5    B CBR 7  ? ? 5_555 1.38 
278 1 N1    B CBR 7  ? ? 1_555 C4    B PRL 10 ? ? 2_554 1.39 
279 1 N1    B CBR 5  ? ? 1_555 C6    B CBR 7  ? ? 5_555 1.39 
280 1 C4    A DG  2  ? ? 1_555 N9    A DG  4  ? ? 6_554 1.39 
281 1 P     B DG  6  ? ? 1_555 OP1   B DG  8  ? ? 5_555 1.39 
282 1 N1    B CBR 7  ? ? 1_555 N15   B PRL 10 ? ? 2_554 1.40 
283 1 C2    A CBR 1  ? ? 1_555 O2    A CBR 3  ? ? 6_554 1.40 
284 1 C2    B DG  6  ? ? 1_555 N1    B DG  8  ? ? 5_555 1.40 
285 1 C8    B DG  6  ? ? 1_555 N15   B PRL 9  ? ? 6_554 1.40 
286 1 "C3'" A CBR 1  ? ? 1_555 "C2'" A CBR 3  ? ? 6_554 1.40 
287 1 C2    A DG  2  ? ? 1_555 N3    A DG  4  ? ? 6_554 1.40 
288 1 C5    B CBR 5  ? ? 1_555 C4    B CBR 7  ? ? 5_555 1.41 
289 1 "O4'" A CBR 1  ? ? 1_555 "C4'" A CBR 3  ? ? 6_554 1.41 
290 1 C4    B DG  8  ? ? 1_555 C3    B PRL 9  ? ? 2_554 1.42 
291 1 "C3'" B CBR 5  ? ? 1_555 "C4'" B CBR 7  ? ? 5_555 1.42 
292 1 "O4'" A CBR 1  ? ? 1_555 "C1'" A CBR 3  ? ? 6_554 1.42 
293 1 N16   B PRL 9  ? ? 1_555 C4    B PRL 11 ? ? 5_555 1.43 
294 1 O6    A DG  2  ? ? 1_555 C6    A DG  4  ? ? 6_554 1.43 
295 1 N1    A DG  4  ? ? 1_555 C1    B PRL 10 ? ? 6_554 1.43 
296 1 C6    A PRL 13 ? ? 1_555 C1    B PRL 14 ? ? 6_554 1.43 
297 1 N1    B DG  8  ? ? 1_555 C1    B PRL 9  ? ? 2_554 1.43 
298 1 C2    A CBR 1  ? ? 1_555 N1    A CBR 3  ? ? 6_554 1.44 
299 1 "O4'" B DG  6  ? ? 1_555 "C5'" B DG  8  ? ? 5_555 1.44 
300 1 C1    A PRL 13 ? ? 1_555 C6    B PRL 14 ? ? 6_554 1.44 
301 1 C2    B DG  6  ? ? 1_555 C4    B PRL 9  ? ? 6_554 1.44 
302 1 C6    B DG  6  ? ? 1_555 C5    B DG  8  ? ? 5_555 1.44 
303 1 C4    B CBR 5  ? ? 1_555 N15   B PRL 10 ? ? 6_554 1.44 
304 1 C5    A CBR 1  ? ? 1_555 C4    A CBR 3  ? ? 6_554 1.45 
305 1 C4    B CBR 5  ? ? 1_555 C5    B CBR 7  ? ? 5_555 1.45 
306 1 N1    B CBR 7  ? ? 1_555 C3    B PRL 10 ? ? 2_554 1.45 
307 1 N9    A DG  2  ? ? 1_555 C4    A DG  4  ? ? 6_554 1.45 
308 1 C5    B DG  6  ? ? 1_555 C6    B DG  8  ? ? 5_555 1.45 
309 1 C8    A PRL 12 ? ? 1_555 N10   B PRL 11 ? ? 6_554 1.45 
310 1 N2    B DG  8  ? ? 1_555 C11   B PRL 9  ? ? 2_554 1.46 
311 1 N1    B CBR 5  ? ? 1_555 C4    B PRL 10 ? ? 6_554 1.46 
312 1 OP2   B DG  6  ? ? 1_555 P     B DG  8  ? ? 5_555 1.46 
313 1 N1    A DG  2  ? ? 1_555 C1    B PRL 10 ? ? 2_554 1.46 
314 1 P     B DG  6  ? ? 1_555 OP2   B DG  8  ? ? 5_555 1.46 
315 1 "C1'" B CBR 5  ? ? 1_555 "C2'" B CBR 7  ? ? 5_555 1.47 
316 1 N15   A PRL 13 ? ? 1_555 C12   B PRL 10 ? ? 2_554 1.48 
317 1 "O3'" B CBR 5  ? ? 1_555 "C3'" B CBR 7  ? ? 5_555 1.48 
318 1 C4    B CBR 5  ? ? 1_555 N4    B CBR 7  ? ? 5_555 1.48 
319 1 "C4'" A CBR 1  ? ? 1_555 "O4'" A CBR 3  ? ? 6_554 1.48 
320 1 "C1'" A CBR 1  ? ? 1_555 "O4'" A CBR 3  ? ? 6_554 1.49 
321 1 C6    A DG  2  ? ? 1_555 N1    A DG  4  ? ? 6_554 1.49 
322 1 C8    A PRL 12 ? ? 1_555 C9    B PRL 11 ? ? 6_554 1.49 
323 1 "O5'" A DG  2  ? ? 1_555 "O5'" A DG  4  ? ? 6_554 1.49 
324 1 C4    A CBR 1  ? ? 1_555 C5    A CBR 3  ? ? 6_554 1.49 
325 1 C5    B DG  8  ? ? 1_555 C2    B PRL 9  ? ? 2_554 1.49 
326 1 "C1'" A CBR 1  ? ? 1_555 "C2'" A CBR 3  ? ? 6_554 1.49 
327 1 N1    B DG  6  ? ? 1_555 C1    B PRL 9  ? ? 6_554 1.50 
328 1 "O3'" B CBR 5  ? ? 1_555 P     B DG  8  ? ? 5_555 1.50 
329 1 C9    A PRL 13 ? ? 1_555 C8    B PRL 14 ? ? 6_554 1.50 
330 1 "C1'" B DG  6  ? ? 1_555 "C3'" B DG  8  ? ? 5_555 1.50 
331 1 N10   A PRL 13 ? ? 1_555 C11   B PRL 14 ? ? 6_554 1.50 
332 1 N3    A DG  2  ? ? 1_555 C2    A DG  4  ? ? 6_554 1.51 
333 1 C6    A CBR 1  ? ? 1_555 N1    A CBR 3  ? ? 6_554 1.51 
334 1 N7    A DG  2  ? ? 1_555 C5    A DG  4  ? ? 6_554 1.51 
335 1 N1    B DG  6  ? ? 1_555 C6    B DG  8  ? ? 5_555 1.51 
336 1 C4    B CBR 5  ? ? 1_555 C2    B PRL 10 ? ? 6_554 1.51 
337 1 C11   A PRL 13 ? ? 1_555 N10   B PRL 14 ? ? 6_554 1.51 
338 1 "C3'" B CBR 5  ? ? 1_555 "O3'" B CBR 7  ? ? 5_555 1.51 
339 1 N1    B CBR 5  ? ? 1_555 C2    B CBR 7  ? ? 5_555 1.51 
340 1 P     A DG  2  ? ? 1_555 "O5'" A DG  4  ? ? 6_554 1.52 
341 1 N1    A DG  2  ? ? 1_555 C2    A DG  4  ? ? 6_554 1.52 
342 1 N1    B CBR 5  ? ? 1_555 N15   B PRL 10 ? ? 6_554 1.52 
343 1 N3    B CBR 5  ? ? 1_555 C4    B CBR 7  ? ? 5_555 1.52 
344 1 C4    B CBR 7  ? ? 1_555 N15   B PRL 10 ? ? 2_554 1.52 
345 1 C4    A CBR 1  ? ? 1_555 N3    A CBR 3  ? ? 6_554 1.52 
346 1 "C4'" A CBR 1  ? ? 1_555 "C3'" A CBR 3  ? ? 6_554 1.52 
347 1 C6    A PRL 12 ? ? 1_555 N16   B PRL 9  ? ? 2_554 1.52 
348 1 "O3'" A DG  2  ? ? 1_555 "C3'" A DG  4  ? ? 6_554 1.52 
349 1 "C3'" A DG  2  ? ? 1_555 "O3'" A DG  4  ? ? 6_554 1.53 
350 1 C8    A PRL 13 ? ? 1_555 C9    B PRL 14 ? ? 6_554 1.53 
351 1 P     A CBR 3  ? ? 1_555 "O3'" A DG  4  ? ? 6_554 1.53 
352 1 "C4'" B DG  6  ? ? 1_555 "C3'" B DG  8  ? ? 5_555 1.54 
353 1 "C2'" A CBR 1  ? ? 1_555 "C1'" A CBR 3  ? ? 6_554 1.54 
354 1 N1    B DG  6  ? ? 1_555 C2    B DG  8  ? ? 5_555 1.54 
355 1 C2    A CBR 3  ? ? 1_555 C12   B PRL 9  ? ? 6_554 1.54 
356 1 N4    A CBR 1  ? ? 1_555 C4    A CBR 3  ? ? 6_554 1.54 
357 1 C6    A DG  2  ? ? 1_555 C5    A DG  4  ? ? 6_554 1.55 
358 1 C5    B PRL 9  ? ? 1_555 N15   B PRL 11 ? ? 5_555 1.55 
359 1 C5    A CBR 1  ? ? 1_555 C6    A CBR 3  ? ? 6_554 1.56 
360 1 OP2   A DG  2  ? ? 1_555 P     A DG  4  ? ? 6_554 1.56 
361 1 C3    A PRL 13 ? ? 1_555 C5    B PRL 14 ? ? 6_554 1.56 
362 1 N1    B DG  8  ? ? 1_555 C4    B PRL 9  ? ? 2_554 1.57 
363 1 O2    B CBR 5  ? ? 1_555 N10   B PRL 10 ? ? 6_554 1.57 
364 1 C2    B CBR 5  ? ? 1_555 N3    B CBR 7  ? ? 5_555 1.57 
365 1 C4    B CBR 5  ? ? 1_555 C3    B PRL 10 ? ? 6_554 1.57 
366 1 N3    A CBR 1  ? ? 1_555 C2    A CBR 3  ? ? 6_554 1.57 
367 1 C2    A CBR 1  ? ? 1_555 C12   B PRL 9  ? ? 2_554 1.57 
368 1 "C2'" A DG  2  ? ? 1_555 "C1'" A DG  4  ? ? 6_554 1.58 
369 1 "C3'" B DG  6  ? ? 1_555 "O3'" B DG  8  ? ? 5_555 1.59 
370 1 "C2'" B CBR 5  ? ? 1_555 "C1'" B CBR 7  ? ? 5_555 1.59 
371 1 C4    B DG  6  ? ? 1_555 C3    B PRL 9  ? ? 6_554 1.59 
372 1 N7    B DG  6  ? ? 1_555 C3    B PRL 9  ? ? 6_554 1.59 
373 1 "C3'" A CBR 1  ? ? 1_555 "C4'" A CBR 3  ? ? 6_554 1.59 
374 1 O2    A CBR 1  ? ? 1_555 C7    B PRL 9  ? ? 2_554 1.60 
375 1 "O5'" B DG  6  ? ? 1_555 P     B DG  8  ? ? 5_555 1.60 
376 1 "C1'" A DG  2  ? ? 1_555 "C2'" A DG  4  ? ? 6_554 1.61 
377 1 N3    B DG  6  ? ? 1_555 C11   B PRL 9  ? ? 6_554 1.61 
378 1 N1    B CBR 5  ? ? 1_555 C3    B PRL 10 ? ? 6_554 1.61 
379 1 C12   A PRL 12 ? ? 1_555 C11   B PRL 11 ? ? 6_554 1.61 
380 1 C4    A PRL 13 ? ? 1_555 C6    B PRL 14 ? ? 6_554 1.61 
381 1 C6    A PRL 12 ? ? 1_555 C4    B PRL 11 ? ? 6_554 1.62 
382 1 C12   A PRL 12 ? ? 1_555 C12   B PRL 11 ? ? 6_554 1.62 
383 1 C12   A PRL 13 ? ? 1_555 C11   B PRL 14 ? ? 6_554 1.62 
384 1 N7    A DG  2  ? ? 1_555 C8    A DG  4  ? ? 6_554 1.62 
385 1 "C1'" B DG  6  ? ? 1_555 "C4'" B DG  8  ? ? 5_555 1.62 
386 1 C4    A DG  2  ? ? 1_555 N3    A DG  4  ? ? 6_554 1.63 
387 1 C5    A PRL 12 ? ? 1_555 C3    B PRL 11 ? ? 6_554 1.63 
388 1 O2    B CBR 7  ? ? 1_555 C13   B PRL 10 ? ? 2_554 1.63 
389 1 "C4'" B CBR 5  ? ? 1_555 "O4'" B CBR 7  ? ? 5_555 1.63 
390 1 "C1'" B CBR 5  ? ? 1_555 N1    B CBR 7  ? ? 5_555 1.63 
391 1 C5    A DG  2  ? ? 1_555 C4    A DG  4  ? ? 6_554 1.64 
392 1 C4    B DG  8  ? ? 1_555 N15   B PRL 9  ? ? 2_554 1.64 
393 1 C12   A PRL 13 ? ? 1_555 C12   B PRL 14 ? ? 6_554 1.64 
394 1 C5    B DG  6  ? ? 1_555 C2    B PRL 9  ? ? 6_554 1.64 
395 1 P     B DG  6  ? ? 1_555 "O5'" B DG  8  ? ? 5_555 1.64 
396 1 C2    A PRL 13 ? ? 1_555 C5    B PRL 10 ? ? 2_554 1.64 
397 1 C5    B DG  8  ? ? 1_555 C4    B PRL 9  ? ? 2_554 1.64 
398 1 "C3'" A CBR 1  ? ? 1_555 "O3'" A CBR 3  ? ? 6_554 1.65 
399 1 C2    A DG  2  ? ? 1_555 N2    A DG  4  ? ? 6_554 1.65 
400 1 N1    A CBR 1  ? ? 1_555 "C1'" A CBR 3  ? ? 6_554 1.65 
401 1 C2    B CBR 5  ? ? 1_555 C11   B PRL 10 ? ? 6_554 1.65 
402 1 N10   A PRL 12 ? ? 1_555 C13   B PRL 11 ? ? 6_554 1.66 
403 1 "O4'" B CBR 5  ? ? 1_555 "C1'" B CBR 7  ? ? 5_555 1.66 
404 1 C6    A PRL 13 ? ? 1_555 C4    B PRL 14 ? ? 6_554 1.66 
405 1 N2    B DG  6  ? ? 1_555 C11   B PRL 9  ? ? 6_554 1.66 
406 1 C4    B CBR 7  ? ? 1_555 C2    B PRL 10 ? ? 2_554 1.66 
407 1 "C2'" A CBR 1  ? ? 1_555 "C3'" A CBR 3  ? ? 6_554 1.66 
408 1 C5    B DG  6  ? ? 1_555 N7    B DG  8  ? ? 5_555 1.66 
409 1 C5    A CBR 1  ? ? 1_555 BR    A CBR 3  ? ? 6_554 1.66 
410 1 C14   A PRL 13 ? ? 1_555 C4    B PRL 14 ? ? 6_554 1.67 
411 1 C4    B DG  6  ? ? 1_555 C5    B DG  8  ? ? 5_555 1.69 
412 1 C13   A PRL 13 ? ? 1_555 C7    B PRL 14 ? ? 6_554 1.69 
413 1 N1    B DG  6  ? ? 1_555 C4    B PRL 9  ? ? 6_554 1.69 
414 1 C2    A CBR 1  ? ? 1_555 C9    B PRL 9  ? ? 2_554 1.69 
415 1 "O5'" A CBR 1  ? ? 1_555 P     A CBR 3  ? ? 6_554 1.69 
416 1 N9    B DG  8  ? ? 1_555 N15   B PRL 9  ? ? 2_554 1.69 
417 1 C6    B PRL 10 ? ? 1_555 C14   B PRL 14 ? ? 5_555 1.70 
418 1 "O5'" B CBR 5  ? ? 1_555 "C5'" B CBR 7  ? ? 5_555 1.70 
419 1 C13   A PRL 13 ? ? 1_555 C5    B PRL 14 ? ? 6_554 1.70 
420 1 C2    B CBR 7  ? ? 1_555 C2    B PRL 10 ? ? 2_554 1.70 
421 1 N7    B DG  6  ? ? 1_555 N9    B DG  8  ? ? 5_555 1.71 
422 1 C4    A PRL 13 ? ? 1_555 C7    B PRL 10 ? ? 2_554 1.71 
423 1 OP1   B DG  6  ? ? 1_555 P     B DG  8  ? ? 5_555 1.71 
424 1 C9    A PRL 12 ? ? 1_555 C13   B PRL 11 ? ? 6_554 1.71 
425 1 "C4'" B CBR 5  ? ? 1_555 "C3'" B CBR 7  ? ? 5_555 1.72 
426 1 C6    B DG  6  ? ? 1_555 C4    B PRL 9  ? ? 6_554 1.72 
427 1 C4    A PRL 13 ? ? 1_555 N16   B PRL 10 ? ? 2_554 1.72 
428 1 BR    B CBR 5  ? ? 1_555 C5    B CBR 7  ? ? 5_555 1.72 
429 1 O2    B CBR 7  ? ? 1_555 N10   B PRL 10 ? ? 2_554 1.72 
430 1 C8    A DG  2  ? ? 1_555 N9    A DG  4  ? ? 6_554 1.72 
431 1 "O4'" A DG  2  ? ? 1_555 "C4'" A DG  4  ? ? 6_554 1.73 
432 1 C2    B CBR 7  ? ? 1_555 C11   B PRL 10 ? ? 2_554 1.73 
433 1 C4    B DG  6  ? ? 1_555 N9    B DG  8  ? ? 5_555 1.73 
434 1 C11   A PRL 13 ? ? 1_555 C12   B PRL 14 ? ? 6_554 1.74 
435 1 P     A DG  2  ? ? 1_555 OP2   A DG  4  ? ? 6_554 1.74 
436 1 C4    B CBR 7  ? ? 1_555 C3    B PRL 10 ? ? 2_554 1.74 
437 1 C7    A PRL 12 ? ? 1_555 C11   B PRL 11 ? ? 6_554 1.74 
438 1 N3    B CBR 5  ? ? 1_555 C1    B PRL 10 ? ? 6_554 1.75 
439 1 C8    B DG  6  ? ? 1_555 C4    B DG  8  ? ? 5_555 1.75 
440 1 O2    B CBR 5  ? ? 1_555 C13   B PRL 10 ? ? 6_554 1.75 
441 1 N2    B DG  6  ? ? 1_555 C2    B DG  8  ? ? 5_555 1.76 
442 1 C2    B DG  6  ? ? 1_555 N3    B DG  8  ? ? 5_555 1.76 
443 1 C5    A PRL 12 ? ? 1_555 N16   B PRL 9  ? ? 2_554 1.76 
444 1 C2    A DG  4  ? ? 1_555 C9    B PRL 10 ? ? 6_554 1.76 
445 1 C14   A PRL 12 ? ? 1_555 C4    B PRL 11 ? ? 6_554 1.77 
446 1 P     A DG  2  ? ? 1_555 OP1   A DG  4  ? ? 6_554 1.77 
447 1 C8    B DG  6  ? ? 1_555 N7    B DG  8  ? ? 5_555 1.77 
448 1 "O3'" A CBR 1  ? ? 1_555 P     A DG  4  ? ? 6_554 1.77 
449 1 "C5'" A CBR 1  ? ? 1_555 "C4'" A CBR 3  ? ? 6_554 1.77 
450 1 "C5'" A DG  2  ? ? 1_555 "O5'" A DG  4  ? ? 6_554 1.78 
451 1 C2    B DG  6  ? ? 1_555 C13   B PRL 9  ? ? 6_554 1.78 
452 1 N3    B DG  6  ? ? 1_555 N10   B PRL 9  ? ? 6_554 1.78 
453 1 N9    A DG  2  ? ? 1_555 "C1'" A DG  4  ? ? 6_554 1.79 
454 1 C5    A PRL 13 ? ? 1_555 C13   B PRL 14 ? ? 6_554 1.79 
455 1 C7    A PRL 13 ? ? 1_555 C13   B PRL 14 ? ? 6_554 1.79 
456 1 N7    B DG  8  ? ? 1_555 C3    B PRL 9  ? ? 2_554 1.79 
457 1 N15   A PRL 13 ? ? 1_555 C5    B PRL 10 ? ? 2_554 1.80 
458 1 N7    B DG  6  ? ? 1_555 C4    B DG  8  ? ? 5_555 1.81 
459 1 C2    A CBR 3  ? ? 1_555 C9    B PRL 9  ? ? 6_554 1.82 
460 1 C6    B DG  6  ? ? 1_555 C13   B PRL 9  ? ? 6_554 1.82 
461 1 N3    B CBR 7  ? ? 1_555 C1    B PRL 10 ? ? 2_554 1.82 
462 1 "C3'" B CBR 5  ? ? 1_555 "C2'" B CBR 7  ? ? 5_555 1.82 
463 1 "O4'" B DG  6  ? ? 1_555 "C3'" B DG  8  ? ? 5_555 1.82 
464 1 N9    B DG  6  ? ? 1_555 "O4'" B DG  8  ? ? 5_555 1.82 
465 1 C6    B DG  8  ? ? 1_555 C4    B PRL 9  ? ? 2_554 1.82 
466 1 OP2   A DG  2  ? ? 1_555 "O5'" A DG  4  ? ? 6_554 1.82 
467 1 N3    B CBR 5  ? ? 1_555 N15   B PRL 10 ? ? 6_554 1.83 
468 1 C14   A PRL 12 ? ? 1_555 C2    B PRL 11 ? ? 6_554 1.83 
469 1 C3    A PRL 13 ? ? 1_555 N10   B PRL 10 ? ? 2_554 1.83 
470 1 C2    B CBR 7  ? ? 1_555 N15   B PRL 10 ? ? 2_554 1.83 
471 1 C5    B CBR 5  ? ? 1_555 BR    B CBR 7  ? ? 5_555 1.83 
472 1 N3    B DG  6  ? ? 1_555 C4    B DG  8  ? ? 5_555 1.83 
473 1 C11   A PRL 13 ? ? 1_555 C5    B PRL 10 ? ? 2_554 1.84 
474 1 "C3'" A DG  2  ? ? 1_555 "C4'" A DG  4  ? ? 6_554 1.85 
475 1 C5    A PRL 12 ? ? 1_555 C13   B PRL 11 ? ? 6_554 1.85 
476 1 C12   A PRL 13 ? ? 1_555 C1    B PRL 14 ? ? 6_554 1.85 
477 1 N2    A DG  4  ? ? 1_555 C12   B PRL 10 ? ? 6_554 1.85 
478 1 C6    B DG  8  ? ? 1_555 C13   B PRL 9  ? ? 2_554 1.85 
479 1 "C4'" A DG  2  ? ? 1_555 "C1'" A DG  4  ? ? 6_554 1.85 
480 1 N3    B CBR 7  ? ? 1_555 N15   B PRL 10 ? ? 2_554 1.86 
481 1 C8    A PRL 12 ? ? 1_555 C11   B PRL 11 ? ? 6_554 1.86 
482 1 N3    B CBR 5  ? ? 1_555 C4    B PRL 10 ? ? 6_554 1.86 
483 1 BR    A CBR 1  ? ? 1_555 C5    A CBR 3  ? ? 6_554 1.86 
484 1 "C5'" B CBR 5  ? ? 1_555 "C4'" B CBR 7  ? ? 5_555 1.87 
485 1 C4    B DG  6  ? ? 1_555 C2    B DG  8  ? ? 5_555 1.88 
486 1 C4    A PRL 13 ? ? 1_555 C14   B PRL 14 ? ? 6_554 1.88 
487 1 O2    B CBR 7  ? ? 1_555 C3    B PRL 10 ? ? 2_554 1.88 
488 1 N3    B DG  8  ? ? 1_555 C11   B PRL 9  ? ? 2_554 1.88 
489 1 C2    B CBR 5  ? ? 1_555 C2    B PRL 10 ? ? 6_554 1.88 
490 1 C8    A PRL 12 ? ? 1_555 C13   B PRL 11 ? ? 6_554 1.88 
491 1 C13   A PRL 13 ? ? 1_555 N16   B PRL 10 ? ? 2_554 1.89 
492 1 N3    A CBR 3  ? ? 1_555 C12   B PRL 9  ? ? 6_554 1.89 
493 1 C2    B CBR 5  ? ? 1_555 N15   B PRL 10 ? ? 6_554 1.89 
494 1 C13   A PRL 13 ? ? 1_555 C6    B PRL 14 ? ? 6_554 1.89 
495 1 C2    B DG  8  ? ? 1_555 C13   B PRL 9  ? ? 2_554 1.90 
496 1 C8    B DG  6  ? ? 1_555 "C1'" B DG  8  ? ? 5_555 1.90 
497 1 "O5'" A CBR 1  ? ? 1_555 "C5'" A CBR 3  ? ? 6_554 1.90 
498 1 C14   A PRL 13 ? ? 1_555 N16   B PRL 10 ? ? 2_554 1.90 
499 1 N9    A DG  2  ? ? 1_555 N7    A DG  4  ? ? 6_554 1.90 
500 1 C3    A PRL 13 ? ? 1_555 C6    B PRL 10 ? ? 2_554 1.91 
501 1 N1    B DG  8  ? ? 1_555 C2    B PRL 9  ? ? 2_554 1.91 
502 1 C9    A PRL 13 ? ? 1_555 C14   B PRL 14 ? ? 6_554 1.91 
503 1 N1    A CBR 3  ? ? 1_555 C8    B PRL 9  ? ? 6_554 1.91 
504 1 C4    A PRL 13 ? ? 1_555 C14   B PRL 10 ? ? 2_554 1.91 
505 1 N15   A PRL 13 ? ? 1_555 C11   B PRL 10 ? ? 2_554 1.91 
506 1 "O5'" B DG  6  ? ? 1_555 "C5'" B DG  8  ? ? 5_555 1.92 
507 1 "C1'" B CBR 7  ? ? 1_555 C4    B PRL 10 ? ? 2_554 1.93 
508 1 "C1'" A DG  2  ? ? 1_555 "O4'" A DG  4  ? ? 6_554 1.93 
509 1 O2    A CBR 1  ? ? 1_555 C14   B PRL 9  ? ? 2_554 1.93 
510 1 C2    A DG  2  ? ? 1_555 C9    B PRL 10 ? ? 2_554 1.94 
511 1 C14   B PRL 10 ? ? 1_555 C6    B PRL 14 ? ? 5_555 1.94 
512 1 "C4'" A DG  2  ? ? 1_555 "C2'" A DG  4  ? ? 6_554 1.94 
513 1 C5    A PRL 13 ? ? 1_555 C2    B PRL 14 ? ? 6_554 1.94 
514 1 C7    A PRL 12 ? ? 1_555 C5    B PRL 11 ? ? 6_554 1.94 
515 1 N2    A DG  2  ? ? 1_555 C1    B PRL 10 ? ? 2_554 1.95 
516 1 O2    A CBR 1  ? ? 1_555 C9    B PRL 9  ? ? 2_554 1.95 
517 1 C13   A PRL 12 ? ? 1_555 C1    B PRL 11 ? ? 6_554 1.95 
518 1 C14   A PRL 13 ? ? 1_555 C14   B PRL 14 ? ? 6_554 1.95 
519 1 C14   A PRL 13 ? ? 1_555 C9    B PRL 14 ? ? 6_554 1.95 
520 1 N3    B DG  6  ? ? 1_555 N2    B DG  8  ? ? 5_555 1.95 
521 1 N10   A PRL 13 ? ? 1_555 C6    B PRL 10 ? ? 2_554 1.95 
522 1 N9    B DG  6  ? ? 1_555 N3    B DG  8  ? ? 5_555 1.96 
523 1 N10   A PRL 12 ? ? 1_555 C3    B PRL 11 ? ? 6_554 1.96 
524 1 C1    A PRL 13 ? ? 1_555 C12   B PRL 14 ? ? 6_554 1.96 
525 1 C12   A PRL 12 ? ? 1_555 C1    B PRL 11 ? ? 6_554 1.96 
526 1 OP1   A DG  2  ? ? 1_555 "O5'" A DG  4  ? ? 6_554 1.96 
527 1 C11   A PRL 13 ? ? 1_555 C6    B PRL 14 ? ? 6_554 1.96 
528 1 "O5'" A DG  2  ? ? 1_555 P     A DG  4  ? ? 6_554 1.96 
529 1 "C5'" B CBR 5  ? ? 1_555 P     B CBR 7  ? ? 5_555 1.97 
530 1 C2    A DG  4  ? ? 1_555 C1    B PRL 10 ? ? 6_554 1.97 
531 1 N1    A CBR 1  ? ? 1_555 C8    B PRL 9  ? ? 2_554 1.97 
532 1 C5    A PRL 12 ? ? 1_555 N10   B PRL 11 ? ? 6_554 1.97 
533 1 N1    B DG  8  ? ? 1_555 C3    B PRL 9  ? ? 2_554 1.97 
534 1 O2    A CBR 3  ? ? 1_555 C14   B PRL 9  ? ? 6_554 1.98 
535 1 C14   A PRL 12 ? ? 1_555 C9    B PRL 11 ? ? 6_554 1.98 
536 1 "O5'" A DG  2  ? ? 1_555 "C4'" A DG  4  ? ? 6_554 1.99 
537 1 "O4'" A DG  2  ? ? 1_555 N9    A DG  4  ? ? 6_554 1.99 
538 1 C2    A DG  2  ? ? 1_555 C1    B PRL 10 ? ? 2_554 1.99 
539 1 "C5'" A DG  2  ? ? 1_555 "O4'" A DG  4  ? ? 6_554 1.99 
540 1 N2    A DG  4  ? ? 1_555 C1    B PRL 10 ? ? 6_554 1.99 
541 1 "C1'" B DG  6  ? ? 1_555 N9    B DG  8  ? ? 5_555 1.99 
542 1 O2    B CBR 5  ? ? 1_555 C3    B PRL 10 ? ? 6_554 1.99 
543 1 "C2'" B DG  6  ? ? 1_555 "O3'" B DG  8  ? ? 5_555 2.00 
544 1 N2    B DG  6  ? ? 1_555 C12   B PRL 9  ? ? 6_554 2.00 
545 1 "C1'" A DG  2  ? ? 1_555 OP1   B CBR 7  ? ? 1_545 2.01 
546 1 C6    B DG  6  ? ? 1_555 C11   B PRL 9  ? ? 6_554 2.01 
547 1 P     A CBR 3  ? ? 1_555 C2    A PRL 12 ? ? 5_545 2.01 
548 1 C4    A DG  2  ? ? 1_555 N7    A DG  4  ? ? 6_554 2.01 
549 1 C4    A DG  2  ? ? 1_555 C8    A DG  4  ? ? 6_554 2.01 
550 1 N16   B PRL 10 ? ? 1_555 C12   B PRL 14 ? ? 5_555 2.01 
551 1 N9    A DG  2  ? ? 1_555 C5    A DG  4  ? ? 6_554 2.02 
552 1 N2    A DG  2  ? ? 1_555 C12   B PRL 10 ? ? 2_554 2.02 
553 1 C6    A PRL 13 ? ? 1_555 C13   B PRL 14 ? ? 6_554 2.02 
554 1 C9    A PRL 13 ? ? 1_555 C13   B PRL 14 ? ? 6_554 2.02 
555 1 N1    B DG  6  ? ? 1_555 C2    B PRL 9  ? ? 6_554 2.02 
556 1 C4    B DG  6  ? ? 1_555 N15   B PRL 9  ? ? 6_554 2.03 
557 1 N1    B DG  6  ? ? 1_555 C9    B PRL 9  ? ? 6_554 2.03 
558 1 N2    B DG  6  ? ? 1_555 C5    B PRL 9  ? ? 6_554 2.03 
559 1 C9    A PRL 12 ? ? 1_555 C12   B PRL 11 ? ? 6_554 2.03 
560 1 C6    B PRL 10 ? ? 1_555 C6    B PRL 14 ? ? 5_555 2.03 
561 1 C14   A PRL 12 ? ? 1_555 C3    B PRL 11 ? ? 6_554 2.04 
562 1 "C2'" A DG  2  ? ? 1_555 "C3'" A DG  4  ? ? 6_554 2.04 
563 1 "O5'" A DG  2  ? ? 1_555 "O4'" A DG  4  ? ? 6_554 2.05 
564 1 C11   A PRL 12 ? ? 1_555 C2    B PRL 11 ? ? 6_554 2.05 
565 1 C6    B CBR 7  ? ? 1_555 C3    B PRL 10 ? ? 2_554 2.05 
566 1 N3    A CBR 1  ? ? 1_555 C12   B PRL 9  ? ? 2_554 2.05 
567 1 C6    A PRL 13 ? ? 1_555 N15   B PRL 14 ? ? 6_554 2.05 
568 1 "C4'" B DG  6  ? ? 1_555 "O5'" B DG  8  ? ? 5_555 2.06 
569 1 N9    B DG  6  ? ? 1_555 C8    B DG  8  ? ? 5_555 2.07 
570 1 C13   A PRL 13 ? ? 1_555 C9    B PRL 14 ? ? 6_554 2.07 
571 1 C6    B CBR 5  ? ? 1_555 C3    B PRL 10 ? ? 6_554 2.07 
572 1 "C3'" B DG  6  ? ? 1_555 "C4'" B DG  8  ? ? 5_555 2.07 
573 1 O6    B DG  6  ? ? 1_555 C3    B PRL 9  ? ? 6_554 2.08 
574 1 O2    A CBR 1  ? ? 1_555 N3    A CBR 3  ? ? 6_554 2.08 
575 1 "C5'" A DG  2  ? ? 1_555 "C3'" A DG  4  ? ? 6_554 2.08 
576 1 C8    A DG  2  ? ? 1_555 C5    A DG  4  ? ? 6_554 2.08 
577 1 N3    B CBR 7  ? ? 1_555 C4    B PRL 10 ? ? 2_554 2.08 
578 1 "C4'" A DG  2  ? ? 1_555 "C5'" A DG  4  ? ? 6_554 2.08 
579 1 N1    B DG  8  ? ? 1_555 C9    B PRL 9  ? ? 2_554 2.08 
580 1 C5    B DG  6  ? ? 1_555 N9    B DG  8  ? ? 5_555 2.08 
581 1 N10   A PRL 13 ? ? 1_555 C5    B PRL 14 ? ? 6_554 2.08 
582 1 N16   B PRL 10 ? ? 1_555 C11   B PRL 14 ? ? 5_555 2.09 
583 1 N3    B CBR 5  ? ? 1_555 O2    B CBR 7  ? ? 5_555 2.09 
584 1 "C1'" B CBR 5  ? ? 1_555 "C4'" B CBR 7  ? ? 5_555 2.09 
585 1 N4    B CBR 5  ? ? 1_555 C2    B PRL 10 ? ? 6_554 2.10 
586 1 "O4'" A DG  2  ? ? 1_555 "C2'" A DG  4  ? ? 6_554 2.10 
587 1 "O4'" B CBR 5  ? ? 1_555 "C5'" B CBR 7  ? ? 5_555 2.10 
588 1 "C4'" B DG  6  ? ? 1_555 "O3'" B DG  8  ? ? 5_555 2.10 
589 1 C6    A PRL 13 ? ? 1_555 C11   B PRL 14 ? ? 6_554 2.10 
590 1 C6    B DG  8  ? ? 1_555 C11   B PRL 9  ? ? 2_554 2.10 
591 1 C13   A PRL 12 ? ? 1_555 C9    B PRL 11 ? ? 6_554 2.10 
592 1 C6    B PRL 10 ? ? 1_555 N10   B PRL 14 ? ? 5_555 2.11 
593 1 N3    A CBR 1  ? ? 1_555 N4    A CBR 3  ? ? 6_554 2.11 
594 1 "C2'" B DG  6  ? ? 1_555 N15   B PRL 14 ? ? 6_664 2.11 
595 1 N1    B DG  6  ? ? 1_555 C3    B PRL 9  ? ? 6_554 2.11 
596 1 N4    B CBR 5  ? ? 1_555 N3    B CBR 7  ? ? 5_555 2.11 
597 1 "O3'" B CBR 5  ? ? 1_555 OP1   B DG  8  ? ? 5_555 2.11 
598 1 C2    A DG  4  ? ? 1_555 C13   B PRL 10 ? ? 6_554 2.11 
599 1 "C5'" B CBR 5  ? ? 1_555 OP1   B CBR 7  ? ? 5_555 2.11 
600 1 C8    B DG  6  ? ? 1_555 C5    B DG  8  ? ? 5_555 2.12 
601 1 "C5'" A CBR 1  ? ? 1_555 P     A CBR 3  ? ? 6_554 2.12 
602 1 "O5'" B CBR 5  ? ? 1_555 P     B CBR 7  ? ? 5_555 2.12 
603 1 C4    A PRL 13 ? ? 1_555 N16   B PRL 14 ? ? 6_554 2.12 
604 1 C5    A PRL 13 ? ? 1_555 C1    B PRL 14 ? ? 6_554 2.13 
605 1 O2    A CBR 3  ? ? 1_555 C6    B PRL 9  ? ? 6_554 2.13 
606 1 "C4'" B CBR 5  ? ? 1_555 "O5'" B CBR 7  ? ? 5_555 2.13 
607 1 C5    B CBR 5  ? ? 1_555 C3    B PRL 10 ? ? 6_554 2.13 
608 1 C2    A PRL 13 ? ? 1_555 C5    B PRL 14 ? ? 6_554 2.13 
609 1 C2    A DG  2  ? ? 1_555 C4    A DG  4  ? ? 6_554 2.13 
610 1 C5    A DG  2  ? ? 1_555 O6    A DG  4  ? ? 6_554 2.14 
611 1 N9    B DG  6  ? ? 1_555 N15   B PRL 9  ? ? 6_554 2.14 
612 1 "O3'" B DG  6  ? ? 1_555 "C3'" B DG  8  ? ? 5_555 2.15 
613 1 OP1   A DG  2  ? ? 1_555 OP2   A DG  4  ? ? 6_554 2.15 
614 1 N3    A CBR 1  ? ? 1_555 C13   B PRL 9  ? ? 2_554 2.15 
615 1 "C3'" A DG  2  ? ? 1_555 "C1'" A DG  4  ? ? 6_554 2.15 
616 1 "O4'" B DG  6  ? ? 1_555 "C1'" B DG  8  ? ? 5_555 2.15 
617 1 C5    B DG  6  ? ? 1_555 N3    B DG  8  ? ? 5_555 2.16 
618 1 "C1'" B CBR 5  ? ? 1_555 C4    B PRL 10 ? ? 6_554 2.16 
619 1 "O3'" A DG  2  ? ? 1_555 "C2'" A DG  4  ? ? 6_554 2.17 
620 1 OP1   A CBR 3  ? ? 1_555 C3    A PRL 12 ? ? 5_545 2.17 
621 1 "C1'" A DG  2  ? ? 1_555 C8    A DG  4  ? ? 6_554 2.17 
622 1 "C2'" B CBR 5  ? ? 1_555 "C4'" B CBR 7  ? ? 5_555 2.17 
623 1 C12   A PRL 12 ? ? 1_555 C14   B PRL 11 ? ? 6_554 2.17 
624 1 C2    B DG  6  ? ? 1_555 C14   B PRL 9  ? ? 6_554 2.17 
625 1 C7    A PRL 12 ? ? 1_555 C12   B PRL 11 ? ? 6_554 2.17 
626 1 C8    A PRL 12 ? ? 1_555 C5    B PRL 11 ? ? 6_554 2.17 
627 1 C5    A PRL 13 ? ? 1_555 N10   B PRL 14 ? ? 6_554 2.17 
628 1 N1    A DG  2  ? ? 1_555 O6    A DG  4  ? ? 6_554 2.17 
629 1 N15   A PRL 13 ? ? 1_555 C9    B PRL 10 ? ? 2_554 2.18 
630 1 C12   A PRL 12 ? ? 1_555 N10   B PRL 11 ? ? 6_554 2.18 
631 1 N1    B DG  6  ? ? 1_555 N10   B PRL 9  ? ? 6_554 2.18 
632 1 C1    A PRL 13 ? ? 1_555 C5    B PRL 14 ? ? 6_554 2.18 
633 1 C7    A PRL 13 ? ? 1_555 C3    B PRL 14 ? ? 6_554 2.19 
634 1 N1    B DG  8  ? ? 1_555 N10   B PRL 9  ? ? 2_554 2.19 
635 1 "C4'" A CBR 1  ? ? 1_555 "O5'" A CBR 3  ? ? 6_554 2.19 
636 1 C8    A PRL 12 ? ? 1_555 C8    B PRL 11 ? ? 6_554 2.19 
637 1 N16   A PRL 12 ? ? 1_555 C6    B PRL 9  ? ? 2_554 2.19 
638 1 C5    B CBR 7  ? ? 1_555 C3    B PRL 10 ? ? 2_554 2.19 
639 1 O6    B DG  8  ? ? 1_555 C3    B PRL 9  ? ? 2_554 2.19 
640 1 N16   A PRL 12 ? ? 1_555 N10   B PRL 11 ? ? 6_554 2.19 
# 
loop_
_pdbx_validate_rmsd_bond.id 
_pdbx_validate_rmsd_bond.PDB_model_num 
_pdbx_validate_rmsd_bond.auth_atom_id_1 
_pdbx_validate_rmsd_bond.auth_asym_id_1 
_pdbx_validate_rmsd_bond.auth_comp_id_1 
_pdbx_validate_rmsd_bond.auth_seq_id_1 
_pdbx_validate_rmsd_bond.PDB_ins_code_1 
_pdbx_validate_rmsd_bond.label_alt_id_1 
_pdbx_validate_rmsd_bond.auth_atom_id_2 
_pdbx_validate_rmsd_bond.auth_asym_id_2 
_pdbx_validate_rmsd_bond.auth_comp_id_2 
_pdbx_validate_rmsd_bond.auth_seq_id_2 
_pdbx_validate_rmsd_bond.PDB_ins_code_2 
_pdbx_validate_rmsd_bond.label_alt_id_2 
_pdbx_validate_rmsd_bond.bond_value 
_pdbx_validate_rmsd_bond.bond_target_value 
_pdbx_validate_rmsd_bond.bond_deviation 
_pdbx_validate_rmsd_bond.bond_standard_deviation 
_pdbx_validate_rmsd_bond.linker_flag 
1 1 "O3'" A CBR 1 ? ? P A DG 2 ? ? 1.531 1.607 -0.076 0.012 Y 
2 1 "O3'" B CBR 5 ? ? P B DG 6 ? ? 1.721 1.607 0.114  0.012 Y 
3 1 "O3'" B CBR 7 ? ? P B DG 8 ? ? 1.696 1.607 0.089  0.012 Y 
# 
loop_
_pdbx_validate_rmsd_angle.id 
_pdbx_validate_rmsd_angle.PDB_model_num 
_pdbx_validate_rmsd_angle.auth_atom_id_1 
_pdbx_validate_rmsd_angle.auth_asym_id_1 
_pdbx_validate_rmsd_angle.auth_comp_id_1 
_pdbx_validate_rmsd_angle.auth_seq_id_1 
_pdbx_validate_rmsd_angle.PDB_ins_code_1 
_pdbx_validate_rmsd_angle.label_alt_id_1 
_pdbx_validate_rmsd_angle.auth_atom_id_2 
_pdbx_validate_rmsd_angle.auth_asym_id_2 
_pdbx_validate_rmsd_angle.auth_comp_id_2 
_pdbx_validate_rmsd_angle.auth_seq_id_2 
_pdbx_validate_rmsd_angle.PDB_ins_code_2 
_pdbx_validate_rmsd_angle.label_alt_id_2 
_pdbx_validate_rmsd_angle.auth_atom_id_3 
_pdbx_validate_rmsd_angle.auth_asym_id_3 
_pdbx_validate_rmsd_angle.auth_comp_id_3 
_pdbx_validate_rmsd_angle.auth_seq_id_3 
_pdbx_validate_rmsd_angle.PDB_ins_code_3 
_pdbx_validate_rmsd_angle.label_alt_id_3 
_pdbx_validate_rmsd_angle.angle_value 
_pdbx_validate_rmsd_angle.angle_target_value 
_pdbx_validate_rmsd_angle.angle_deviation 
_pdbx_validate_rmsd_angle.angle_standard_deviation 
_pdbx_validate_rmsd_angle.linker_flag 
1  1 "C3'" A CBR 1 ? ? "O3'" A CBR 1 ? ? P     A DG 2 ? ? 130.18 119.70 10.48  1.20 Y 
2  1 "O3'" A CBR 1 ? ? P     A DG  2 ? ? OP1   A DG 2 ? ? 125.67 110.50 15.17  1.10 Y 
3  1 OP1   A DG  2 ? ? P     A DG  2 ? ? OP2   A DG 2 ? ? 107.29 119.60 -12.31 1.50 N 
4  1 P     A DG  2 ? ? "O5'" A DG  2 ? ? "C5'" A DG 2 ? ? 132.71 120.90 11.81  1.60 N 
5  1 "O3'" A CBR 3 ? ? P     A DG  4 ? ? "O5'" A DG 4 ? ? 117.25 104.00 13.25  1.90 Y 
6  1 C6    A DG  4 ? ? N1    A DG  4 ? ? C2    A DG 4 ? ? 121.46 125.10 -3.64  0.60 N 
7  1 C5    A DG  4 ? ? C6    A DG  4 ? ? N1    A DG 4 ? ? 115.47 111.50 3.97   0.50 N 
8  1 C5    A DG  4 ? ? C6    A DG  4 ? ? O6    A DG 4 ? ? 123.57 128.60 -5.03  0.60 N 
9  1 "O5'" B DG  6 ? ? "C5'" B DG  6 ? ? "C4'" B DG 6 ? ? 102.10 109.40 -7.30  0.80 N 
10 1 "O4'" B DG  8 ? ? "C1'" B DG  8 ? ? N9    B DG 8 ? ? 96.08  108.00 -11.92 0.70 N 
11 1 C5    B DG  8 ? ? C6    B DG  8 ? ? N1    B DG 8 ? ? 114.95 111.50 3.45   0.50 N 
# 
loop_
_pdbx_struct_mod_residue.id 
_pdbx_struct_mod_residue.label_asym_id 
_pdbx_struct_mod_residue.label_comp_id 
_pdbx_struct_mod_residue.label_seq_id 
_pdbx_struct_mod_residue.auth_asym_id 
_pdbx_struct_mod_residue.auth_comp_id 
_pdbx_struct_mod_residue.auth_seq_id 
_pdbx_struct_mod_residue.PDB_ins_code 
_pdbx_struct_mod_residue.parent_comp_id 
_pdbx_struct_mod_residue.details 
1 A CBR 1 A CBR 1 ? DC ? 
2 A CBR 3 A CBR 3 ? DC ? 
3 B CBR 1 B CBR 5 ? DC ? 
4 B CBR 3 B CBR 7 ? DC ? 
# 
_struct_site_keywords.site_id   1 
_struct_site_keywords.text      STACKING 
# 
loop_
_chem_comp_atom.comp_id 
_chem_comp_atom.atom_id 
_chem_comp_atom.type_symbol 
_chem_comp_atom.pdbx_aromatic_flag 
_chem_comp_atom.pdbx_stereo_config 
_chem_comp_atom.pdbx_ordinal 
CBR BR     BR N N 1   
CBR P      P  N N 2   
CBR OP1    O  N N 3   
CBR OP2    O  N N 4   
CBR "O5'"  O  N N 5   
CBR N1     N  N N 6   
CBR C6     C  N N 7   
CBR C2     C  N N 8   
CBR O2     O  N N 9   
CBR N3     N  N N 10  
CBR C4     C  N N 11  
CBR N4     N  N N 12  
CBR C5     C  N N 13  
CBR "C2'"  C  N N 14  
CBR "C5'"  C  N N 15  
CBR "C4'"  C  N R 16  
CBR "O4'"  O  N N 17  
CBR "C1'"  C  N R 18  
CBR "C3'"  C  N S 19  
CBR "O3'"  O  N N 20  
CBR OP3    O  N N 21  
CBR HOP2   H  N N 22  
CBR H6     H  N N 23  
CBR H41    H  N N 24  
CBR H42    H  N N 25  
CBR "H2'"  H  N N 26  
CBR "H2''" H  N N 27  
CBR "H5'"  H  N N 28  
CBR "H5''" H  N N 29  
CBR "H4'"  H  N N 30  
CBR "H1'"  H  N N 31  
CBR "H3'"  H  N N 32  
CBR "HO3'" H  N N 33  
CBR HOP3   H  N N 34  
DG  OP3    O  N N 35  
DG  P      P  N N 36  
DG  OP1    O  N N 37  
DG  OP2    O  N N 38  
DG  "O5'"  O  N N 39  
DG  "C5'"  C  N N 40  
DG  "C4'"  C  N R 41  
DG  "O4'"  O  N N 42  
DG  "C3'"  C  N S 43  
DG  "O3'"  O  N N 44  
DG  "C2'"  C  N N 45  
DG  "C1'"  C  N R 46  
DG  N9     N  Y N 47  
DG  C8     C  Y N 48  
DG  N7     N  Y N 49  
DG  C5     C  Y N 50  
DG  C6     C  N N 51  
DG  O6     O  N N 52  
DG  N1     N  N N 53  
DG  C2     C  N N 54  
DG  N2     N  N N 55  
DG  N3     N  N N 56  
DG  C4     C  Y N 57  
DG  HOP3   H  N N 58  
DG  HOP2   H  N N 59  
DG  "H5'"  H  N N 60  
DG  "H5''" H  N N 61  
DG  "H4'"  H  N N 62  
DG  "H3'"  H  N N 63  
DG  "HO3'" H  N N 64  
DG  "H2'"  H  N N 65  
DG  "H2''" H  N N 66  
DG  "H1'"  H  N N 67  
DG  H8     H  N N 68  
DG  H1     H  N N 69  
DG  H21    H  N N 70  
DG  H22    H  N N 71  
HOH O      O  N N 72  
HOH H1     H  N N 73  
HOH H2     H  N N 74  
PRL C1     C  Y N 75  
PRL C2     C  Y N 76  
PRL C3     C  Y N 77  
PRL C4     C  Y N 78  
PRL C5     C  Y N 79  
PRL C6     C  Y N 80  
PRL C7     C  Y N 81  
PRL C8     C  Y N 82  
PRL C9     C  Y N 83  
PRL N10    N  Y N 84  
PRL C11    C  Y N 85  
PRL C12    C  Y N 86  
PRL C13    C  Y N 87  
PRL C14    C  Y N 88  
PRL N15    N  N N 89  
PRL N16    N  N N 90  
PRL H1     H  N N 91  
PRL H2     H  N N 92  
PRL H4     H  N N 93  
PRL H5     H  N N 94  
PRL H7     H  N N 95  
PRL H8     H  N N 96  
PRL H9     H  N N 97  
PRL HNF1   H  N N 98  
PRL HNF2   H  N N 99  
PRL HNG1   H  N N 100 
PRL HNG2   H  N N 101 
# 
loop_
_chem_comp_bond.comp_id 
_chem_comp_bond.atom_id_1 
_chem_comp_bond.atom_id_2 
_chem_comp_bond.value_order 
_chem_comp_bond.pdbx_aromatic_flag 
_chem_comp_bond.pdbx_stereo_config 
_chem_comp_bond.pdbx_ordinal 
CBR BR    C5     sing N N 1   
CBR P     OP1    doub N N 2   
CBR P     OP2    sing N N 3   
CBR P     "O5'"  sing N N 4   
CBR P     OP3    sing N N 5   
CBR OP2   HOP2   sing N N 6   
CBR "O5'" "C5'"  sing N N 7   
CBR N1    C6     sing N N 8   
CBR N1    C2     sing N N 9   
CBR N1    "C1'"  sing N N 10  
CBR C6    C5     doub N N 11  
CBR C6    H6     sing N N 12  
CBR C2    O2     doub N N 13  
CBR C2    N3     sing N N 14  
CBR N3    C4     doub N N 15  
CBR C4    N4     sing N N 16  
CBR C4    C5     sing N N 17  
CBR N4    H41    sing N N 18  
CBR N4    H42    sing N N 19  
CBR "C2'" "C1'"  sing N N 20  
CBR "C2'" "C3'"  sing N N 21  
CBR "C2'" "H2'"  sing N N 22  
CBR "C2'" "H2''" sing N N 23  
CBR "C5'" "C4'"  sing N N 24  
CBR "C5'" "H5'"  sing N N 25  
CBR "C5'" "H5''" sing N N 26  
CBR "C4'" "O4'"  sing N N 27  
CBR "C4'" "C3'"  sing N N 28  
CBR "C4'" "H4'"  sing N N 29  
CBR "O4'" "C1'"  sing N N 30  
CBR "C1'" "H1'"  sing N N 31  
CBR "C3'" "O3'"  sing N N 32  
CBR "C3'" "H3'"  sing N N 33  
CBR "O3'" "HO3'" sing N N 34  
CBR OP3   HOP3   sing N N 35  
DG  OP3   P      sing N N 36  
DG  OP3   HOP3   sing N N 37  
DG  P     OP1    doub N N 38  
DG  P     OP2    sing N N 39  
DG  P     "O5'"  sing N N 40  
DG  OP2   HOP2   sing N N 41  
DG  "O5'" "C5'"  sing N N 42  
DG  "C5'" "C4'"  sing N N 43  
DG  "C5'" "H5'"  sing N N 44  
DG  "C5'" "H5''" sing N N 45  
DG  "C4'" "O4'"  sing N N 46  
DG  "C4'" "C3'"  sing N N 47  
DG  "C4'" "H4'"  sing N N 48  
DG  "O4'" "C1'"  sing N N 49  
DG  "C3'" "O3'"  sing N N 50  
DG  "C3'" "C2'"  sing N N 51  
DG  "C3'" "H3'"  sing N N 52  
DG  "O3'" "HO3'" sing N N 53  
DG  "C2'" "C1'"  sing N N 54  
DG  "C2'" "H2'"  sing N N 55  
DG  "C2'" "H2''" sing N N 56  
DG  "C1'" N9     sing N N 57  
DG  "C1'" "H1'"  sing N N 58  
DG  N9    C8     sing Y N 59  
DG  N9    C4     sing Y N 60  
DG  C8    N7     doub Y N 61  
DG  C8    H8     sing N N 62  
DG  N7    C5     sing Y N 63  
DG  C5    C6     sing N N 64  
DG  C5    C4     doub Y N 65  
DG  C6    O6     doub N N 66  
DG  C6    N1     sing N N 67  
DG  N1    C2     sing N N 68  
DG  N1    H1     sing N N 69  
DG  C2    N2     sing N N 70  
DG  C2    N3     doub N N 71  
DG  N2    H21    sing N N 72  
DG  N2    H22    sing N N 73  
DG  N3    C4     sing N N 74  
HOH O     H1     sing N N 75  
HOH O     H2     sing N N 76  
PRL C1    C2     doub Y N 77  
PRL C1    C13    sing Y N 78  
PRL C1    H1     sing N N 79  
PRL C2    C3     sing Y N 80  
PRL C2    H2     sing N N 81  
PRL C3    C4     doub Y N 82  
PRL C3    N15    sing N N 83  
PRL C4    C11    sing Y N 84  
PRL C4    H4     sing N N 85  
PRL C5    C6     doub Y N 86  
PRL C5    C14    sing Y N 87  
PRL C5    H5     sing N N 88  
PRL C6    C7     sing Y N 89  
PRL C6    N16    sing N N 90  
PRL C7    C8     doub Y N 91  
PRL C7    H7     sing N N 92  
PRL C8    C12    sing Y N 93  
PRL C8    H8     sing N N 94  
PRL C9    C12    doub Y N 95  
PRL C9    C13    sing Y N 96  
PRL C9    H9     sing N N 97  
PRL N10   C11    sing Y N 98  
PRL N10   C14    doub Y N 99  
PRL C11   C13    doub Y N 100 
PRL C12   C14    sing Y N 101 
PRL N15   HNF1   sing N N 102 
PRL N15   HNF2   sing N N 103 
PRL N16   HNG1   sing N N 104 
PRL N16   HNG2   sing N N 105 
# 
_ndb_struct_conf_na.entry_id   1VTF 
_ndb_struct_conf_na.feature    'z-form double helix' 
# 
loop_
_ndb_struct_na_base_pair.model_number 
_ndb_struct_na_base_pair.i_label_asym_id 
_ndb_struct_na_base_pair.i_label_comp_id 
_ndb_struct_na_base_pair.i_label_seq_id 
_ndb_struct_na_base_pair.i_symmetry 
_ndb_struct_na_base_pair.j_label_asym_id 
_ndb_struct_na_base_pair.j_label_comp_id 
_ndb_struct_na_base_pair.j_label_seq_id 
_ndb_struct_na_base_pair.j_symmetry 
_ndb_struct_na_base_pair.shear 
_ndb_struct_na_base_pair.stretch 
_ndb_struct_na_base_pair.stagger 
_ndb_struct_na_base_pair.buckle 
_ndb_struct_na_base_pair.propeller 
_ndb_struct_na_base_pair.opening 
_ndb_struct_na_base_pair.pair_number 
_ndb_struct_na_base_pair.pair_name 
_ndb_struct_na_base_pair.i_auth_asym_id 
_ndb_struct_na_base_pair.i_auth_seq_id 
_ndb_struct_na_base_pair.i_PDB_ins_code 
_ndb_struct_na_base_pair.j_auth_asym_id 
_ndb_struct_na_base_pair.j_auth_seq_id 
_ndb_struct_na_base_pair.j_PDB_ins_code 
_ndb_struct_na_base_pair.hbond_type_28 
_ndb_struct_na_base_pair.hbond_type_12 
1 A CBR 1 1_555 B DG  4 1_555 -0.206 -0.163 0.219  -0.668  -3.387 6.326  1 A_CBR1:DG8_B A 1 ? B 8 ? 19 1 
1 A DG  2 1_555 B CBR 3 1_555 0.042  -0.162 -0.837 -15.645 -7.183 2.629  2 A_DG2:CBR7_B A 2 ? B 7 ? 19 1 
1 A CBR 3 1_555 B DG  2 1_555 0.091  -0.155 0.596  8.343   -2.892 -2.049 3 A_CBR3:DG6_B A 3 ? B 6 ? 19 1 
1 A DG  4 1_555 B CBR 1 1_555 -0.167 -0.146 -0.884 -6.263  3.156  1.425  4 A_DG4:CBR5_B A 4 ? B 5 ? 19 1 
# 
loop_
_ndb_struct_na_base_pair_step.model_number 
_ndb_struct_na_base_pair_step.i_label_asym_id_1 
_ndb_struct_na_base_pair_step.i_label_comp_id_1 
_ndb_struct_na_base_pair_step.i_label_seq_id_1 
_ndb_struct_na_base_pair_step.i_symmetry_1 
_ndb_struct_na_base_pair_step.j_label_asym_id_1 
_ndb_struct_na_base_pair_step.j_label_comp_id_1 
_ndb_struct_na_base_pair_step.j_label_seq_id_1 
_ndb_struct_na_base_pair_step.j_symmetry_1 
_ndb_struct_na_base_pair_step.i_label_asym_id_2 
_ndb_struct_na_base_pair_step.i_label_comp_id_2 
_ndb_struct_na_base_pair_step.i_label_seq_id_2 
_ndb_struct_na_base_pair_step.i_symmetry_2 
_ndb_struct_na_base_pair_step.j_label_asym_id_2 
_ndb_struct_na_base_pair_step.j_label_comp_id_2 
_ndb_struct_na_base_pair_step.j_label_seq_id_2 
_ndb_struct_na_base_pair_step.j_symmetry_2 
_ndb_struct_na_base_pair_step.shift 
_ndb_struct_na_base_pair_step.slide 
_ndb_struct_na_base_pair_step.rise 
_ndb_struct_na_base_pair_step.tilt 
_ndb_struct_na_base_pair_step.roll 
_ndb_struct_na_base_pair_step.twist 
_ndb_struct_na_base_pair_step.x_displacement 
_ndb_struct_na_base_pair_step.y_displacement 
_ndb_struct_na_base_pair_step.helical_rise 
_ndb_struct_na_base_pair_step.inclination 
_ndb_struct_na_base_pair_step.tip 
_ndb_struct_na_base_pair_step.helical_twist 
_ndb_struct_na_base_pair_step.step_number 
_ndb_struct_na_base_pair_step.step_name 
_ndb_struct_na_base_pair_step.i_auth_asym_id_1 
_ndb_struct_na_base_pair_step.i_auth_seq_id_1 
_ndb_struct_na_base_pair_step.i_PDB_ins_code_1 
_ndb_struct_na_base_pair_step.j_auth_asym_id_1 
_ndb_struct_na_base_pair_step.j_auth_seq_id_1 
_ndb_struct_na_base_pair_step.j_PDB_ins_code_1 
_ndb_struct_na_base_pair_step.i_auth_asym_id_2 
_ndb_struct_na_base_pair_step.i_auth_seq_id_2 
_ndb_struct_na_base_pair_step.i_PDB_ins_code_2 
_ndb_struct_na_base_pair_step.j_auth_asym_id_2 
_ndb_struct_na_base_pair_step.j_auth_seq_id_2 
_ndb_struct_na_base_pair_step.j_PDB_ins_code_2 
1 A CBR 1 1_555 B DG  4 1_555 A DG  2 1_555 B CBR 3 1_555 -0.014 5.802  3.934 7.324   2.250  -5.793  -38.986 14.002 1.027 -15.552 
50.628  -9.603  1 AA_CBR1DG2:CBR7DG8_BB A 1 ? B 8 ? A 2 ? B 7 ? 
1 A DG  2 1_555 B CBR 3 1_555 A CBR 3 1_555 B DG  2 1_555 0.573  -1.175 2.902 -10.511 -0.180 -49.551 1.386   -0.003 2.954 0.213   
-12.380 -50.585 2 AA_DG2CBR3:DG6CBR7_BB A 2 ? B 7 ? A 3 ? B 6 ? 
1 A CBR 3 1_555 B DG  2 1_555 A DG  4 1_555 B CBR 1 1_555 -0.140 5.763  3.806 9.742   -0.901 -14.085 -18.635 7.151  3.513 3.216   
34.768  -17.135 3 AA_CBR3DG4:CBR5DG6_BB A 3 ? B 6 ? A 4 ? B 5 ? 
# 
_atom_sites.entry_id                    1VTF 
_atom_sites.fract_transf_matrix[1][1]   -0.04511215 
_atom_sites.fract_transf_matrix[1][2]   0.04444057 
_atom_sites.fract_transf_matrix[1][3]   0.01229882 
_atom_sites.fract_transf_matrix[2][1]   -0.00404593 
_atom_sites.fract_transf_matrix[2][2]   0.02646971 
_atom_sites.fract_transf_matrix[2][3]   0.05868788 
_atom_sites.fract_transf_matrix[3][1]   0.01423331 
_atom_sites.fract_transf_matrix[3][2]   0.01619878 
_atom_sites.fract_transf_matrix[3][3]   -0.00632481 
_atom_sites.fract_transf_vector[1]      -0.047159 
_atom_sites.fract_transf_vector[2]      -0.013845 
_atom_sites.fract_transf_vector[3]      0.195289 
# 
loop_
_atom_type.symbol 
BR 
C  
N  
O  
P  
# 
loop_
_atom_site.group_PDB 
_atom_site.id 
_atom_site.type_symbol 
_atom_site.label_atom_id 
_atom_site.label_alt_id 
_atom_site.label_comp_id 
_atom_site.label_asym_id 
_atom_site.label_entity_id 
_atom_site.label_seq_id 
_atom_site.pdbx_PDB_ins_code 
_atom_site.Cartn_x 
_atom_site.Cartn_y 
_atom_site.Cartn_z 
_atom_site.occupancy 
_atom_site.B_iso_or_equiv 
_atom_site.pdbx_formal_charge 
_atom_site.auth_seq_id 
_atom_site.auth_comp_id 
_atom_site.auth_asym_id 
_atom_site.auth_atom_id 
_atom_site.pdbx_PDB_model_num 
HETATM 1   BR BR    . CBR A 1 1 ? -9.759 0.063   1.946  1.00 24.67 ? 1  CBR A BR    1 
HETATM 2   O  "O5'" . CBR A 1 1 ? -9.911 -2.636  -1.767 1.00 2.00  ? 1  CBR A "O5'" 1 
HETATM 3   N  N1    . CBR A 1 1 ? -7.207 -2.781  0.753  1.00 12.81 ? 1  CBR A N1    1 
HETATM 4   C  C6    . CBR A 1 1 ? -8.356 -2.036  0.804  1.00 11.67 ? 1  CBR A C6    1 
HETATM 5   C  C2    . CBR A 1 1 ? -6.428 -2.968  1.884  1.00 12.63 ? 1  CBR A C2    1 
HETATM 6   O  O2    . CBR A 1 1 ? -5.397 -3.665  1.833  1.00 15.04 ? 1  CBR A O2    1 
HETATM 7   N  N3    . CBR A 1 1 ? -6.849 -2.390  3.052  1.00 11.07 ? 1  CBR A N3    1 
HETATM 8   C  C4    . CBR A 1 1 ? -7.988 -1.657  3.106  1.00 13.51 ? 1  CBR A C4    1 
HETATM 9   N  N4    . CBR A 1 1 ? -8.431 -1.076  4.229  1.00 15.16 ? 1  CBR A N4    1 
HETATM 10  C  C5    . CBR A 1 1 ? -8.782 -1.443  1.932  1.00 13.57 ? 1  CBR A C5    1 
HETATM 11  C  "C2'" . CBR A 1 1 ? -7.338 -4.767  -0.758 1.00 8.78  ? 1  CBR A "C2'" 1 
HETATM 12  C  "C5'" . CBR A 1 1 ? -9.194 -2.991  -2.975 1.00 14.65 ? 1  CBR A "C5'" 1 
HETATM 13  C  "C4'" . CBR A 1 1 ? -7.737 -3.362  -2.688 1.00 7.12  ? 1  CBR A "C4'" 1 
HETATM 14  O  "O4'" . CBR A 1 1 ? -7.305 -2.607  -1.598 1.00 2.19  ? 1  CBR A "O4'" 1 
HETATM 15  C  "C1'" . CBR A 1 1 ? -6.782 -3.391  -0.517 1.00 10.16 ? 1  CBR A "C1'" 1 
HETATM 16  C  "C3'" . CBR A 1 1 ? -7.482 -4.808  -2.289 1.00 6.48  ? 1  CBR A "C3'" 1 
HETATM 17  O  "O3'" . CBR A 1 1 ? -6.235 -5.287  -2.860 1.00 5.23  ? 1  CBR A "O3'" 1 
ATOM   18  P  P     . DG  A 1 2 ? -5.897 -5.688  -4.298 1.00 3.65  ? 2  DG  A P     1 
ATOM   19  O  OP1   . DG  A 1 2 ? -6.909 -5.889  -5.431 1.00 2.01  ? 2  DG  A OP1   1 
ATOM   20  O  OP2   . DG  A 1 2 ? -5.036 -6.933  -4.237 1.00 2.00  ? 2  DG  A OP2   1 
ATOM   21  O  "O5'" . DG  A 1 2 ? -5.054 -4.353  -4.706 1.00 2.00  ? 2  DG  A "O5'" 1 
ATOM   22  C  "C5'" . DG  A 1 2 ? -4.168 -4.059  -5.786 1.00 2.00  ? 2  DG  A "C5'" 1 
ATOM   23  C  "C4'" . DG  A 1 2 ? -4.730 -2.944  -6.644 1.00 7.15  ? 2  DG  A "C4'" 1 
ATOM   24  O  "O4'" . DG  A 1 2 ? -5.868 -2.366  -6.063 1.00 2.00  ? 2  DG  A "O4'" 1 
ATOM   25  C  "C3'" . DG  A 1 2 ? -3.738 -1.789  -6.816 1.00 11.09 ? 2  DG  A "C3'" 1 
ATOM   26  O  "O3'" . DG  A 1 2 ? -2.776 -1.953  -7.869 1.00 11.88 ? 2  DG  A "O3'" 1 
ATOM   27  C  "C2'" . DG  A 1 2 ? -4.661 -0.558  -6.957 1.00 10.76 ? 2  DG  A "C2'" 1 
ATOM   28  C  "C1'" . DG  A 1 2 ? -6.029 -1.004  -6.512 1.00 8.83  ? 2  DG  A "C1'" 1 
ATOM   29  N  N9    . DG  A 1 2 ? -6.631 -0.250  -5.396 1.00 7.42  ? 2  DG  A N9    1 
ATOM   30  C  C8    . DG  A 1 2 ? -7.786 0.487   -5.398 1.00 12.55 ? 2  DG  A C8    1 
ATOM   31  N  N7    . DG  A 1 2 ? -8.078 1.025   -4.236 1.00 14.25 ? 2  DG  A N7    1 
ATOM   32  C  C5    . DG  A 1 2 ? -7.056 0.576   -3.402 1.00 10.55 ? 2  DG  A C5    1 
ATOM   33  C  C6    . DG  A 1 2 ? -6.804 0.816   -2.028 1.00 13.20 ? 2  DG  A C6    1 
ATOM   34  O  O6    . DG  A 1 2 ? -7.449 1.505   -1.226 1.00 13.58 ? 2  DG  A O6    1 
ATOM   35  N  N1    . DG  A 1 2 ? -5.677 0.193   -1.565 1.00 12.57 ? 2  DG  A N1    1 
ATOM   36  C  C2    . DG  A 1 2 ? -4.855 -0.547  -2.352 1.00 13.87 ? 2  DG  A C2    1 
ATOM   37  N  N2    . DG  A 1 2 ? -3.793 -1.072  -1.734 1.00 11.80 ? 2  DG  A N2    1 
ATOM   38  N  N3    . DG  A 1 2 ? -5.049 -0.802  -3.647 1.00 14.22 ? 2  DG  A N3    1 
ATOM   39  C  C4    . DG  A 1 2 ? -6.177 -0.208  -4.098 1.00 10.51 ? 2  DG  A C4    1 
HETATM 40  BR BR    . CBR A 1 3 ? -3.688 1.810   -5.640 1.00 17.34 ? 3  CBR A BR    1 
HETATM 41  P  P     . CBR A 1 3 ? -1.171 -2.222  -7.632 1.00 11.54 ? 3  CBR A P     1 
HETATM 42  O  OP1   . CBR A 1 3 ? -0.395 -1.445  -8.639 1.00 15.09 ? 3  CBR A OP1   1 
HETATM 43  O  OP2   . CBR A 1 3 ? -0.911 -3.675  -7.860 1.00 13.28 ? 3  CBR A OP2   1 
HETATM 44  O  "O5'" . CBR A 1 3 ? -0.693 -1.820  -6.175 1.00 5.18  ? 3  CBR A "O5'" 1 
HETATM 45  N  N1    . CBR A 1 3 ? -0.821 0.573   -3.119 1.00 2.69  ? 3  CBR A N1    1 
HETATM 46  C  C6    . CBR A 1 3 ? -1.556 0.766   -4.245 1.00 8.79  ? 3  CBR A C6    1 
HETATM 47  C  C2    . CBR A 1 3 ? -1.107 1.197   -1.924 1.00 6.49  ? 3  CBR A C2    1 
HETATM 48  O  O2    . CBR A 1 3 ? -0.394 0.959   -0.945 1.00 3.49  ? 3  CBR A O2    1 
HETATM 49  N  N3    . CBR A 1 3 ? -2.209 2.010   -1.910 1.00 11.32 ? 3  CBR A N3    1 
HETATM 50  C  C4    . CBR A 1 3 ? -2.977 2.220   -3.024 1.00 8.73  ? 3  CBR A C4    1 
HETATM 51  N  N4    . CBR A 1 3 ? -4.026 3.029   -2.900 1.00 8.78  ? 3  CBR A N4    1 
HETATM 52  C  C5    . CBR A 1 3 ? -2.631 1.588   -4.245 1.00 13.50 ? 3  CBR A C5    1 
HETATM 53  C  "C2'" . CBR A 1 3 ? 0.178  -1.693  -2.737 1.00 2.00  ? 3  CBR A "C2'" 1 
HETATM 54  C  "C5'" . CBR A 1 3 ? 0.726  -2.152  -6.064 1.00 3.75  ? 3  CBR A "C5'" 1 
HETATM 55  C  "C4'" . CBR A 1 3 ? 1.349  -1.542  -4.834 1.00 2.49  ? 3  CBR A "C4'" 1 
HETATM 56  O  "O4'" . CBR A 1 3 ? 0.855  -0.245  -4.507 1.00 2.00  ? 3  CBR A "O4'" 1 
HETATM 57  C  "C1'" . CBR A 1 3 ? 0.401  -0.266  -3.149 1.00 6.95  ? 3  CBR A "C1'" 1 
HETATM 58  C  "C3'" . CBR A 1 3 ? 1.197  -2.434  -3.574 1.00 2.00  ? 3  CBR A "C3'" 1 
HETATM 59  O  "O3'" . CBR A 1 3 ? 2.472  -2.564  -2.887 1.00 2.00  ? 3  CBR A "O3'" 1 
ATOM   60  P  P     . DG  A 1 4 ? 3.483  -3.709  -3.369 1.00 2.00  ? 4  DG  A P     1 
ATOM   61  O  OP1   . DG  A 1 4 ? 3.161  -4.219  -4.707 1.00 2.00  ? 4  DG  A OP1   1 
ATOM   62  O  OP2   . DG  A 1 4 ? 3.139  -4.601  -2.193 1.00 2.00  ? 4  DG  A OP2   1 
ATOM   63  O  "O5'" . DG  A 1 4 ? 5.042  -3.327  -3.450 1.00 2.00  ? 4  DG  A "O5'" 1 
ATOM   64  C  "C5'" . DG  A 1 4 ? 5.600  -1.988  -3.654 1.00 2.34  ? 4  DG  A "C5'" 1 
ATOM   65  C  "C4'" . DG  A 1 4 ? 5.945  -1.820  -5.121 1.00 2.36  ? 4  DG  A "C4'" 1 
ATOM   66  O  "O4'" . DG  A 1 4 ? 4.751  -1.696  -5.876 1.00 2.00  ? 4  DG  A "O4'" 1 
ATOM   67  C  "C3'" . DG  A 1 4 ? 6.761  -0.594  -5.488 1.00 5.98  ? 4  DG  A "C3'" 1 
ATOM   68  O  "O3'" . DG  A 1 4 ? 8.184  -0.821  -5.507 1.00 8.09  ? 4  DG  A "O3'" 1 
ATOM   69  C  "C2'" . DG  A 1 4 ? 6.305  -0.218  -6.893 1.00 5.52  ? 4  DG  A "C2'" 1 
ATOM   70  C  "C1'" . DG  A 1 4 ? 5.039  -0.999  -7.109 1.00 8.95  ? 4  DG  A "C1'" 1 
ATOM   71  N  N9    . DG  A 1 4 ? 3.887  -0.144  -7.465 1.00 6.01  ? 4  DG  A N9    1 
ATOM   72  C  C8    . DG  A 1 4 ? 3.265  -0.002  -8.678 1.00 9.67  ? 4  DG  A C8    1 
ATOM   73  N  N7    . DG  A 1 4 ? 2.215  0.771   -8.649 1.00 10.31 ? 4  DG  A N7    1 
ATOM   74  C  C5    . DG  A 1 4 ? 2.146  1.178   -7.316 1.00 13.00 ? 4  DG  A C5    1 
ATOM   75  C  C6    . DG  A 1 4 ? 1.237  2.023   -6.630 1.00 11.26 ? 4  DG  A C6    1 
ATOM   76  O  O6    . DG  A 1 4 ? 0.297  2.603   -7.180 1.00 15.93 ? 4  DG  A O6    1 
ATOM   77  N  N1    . DG  A 1 4 ? 1.475  2.179   -5.282 1.00 10.74 ? 4  DG  A N1    1 
ATOM   78  C  C2    . DG  A 1 4 ? 2.517  1.564   -4.672 1.00 12.77 ? 4  DG  A C2    1 
ATOM   79  N  N2    . DG  A 1 4 ? 2.642  1.781   -3.357 1.00 12.15 ? 4  DG  A N2    1 
ATOM   80  N  N3    . DG  A 1 4 ? 3.387  0.737   -5.258 1.00 13.56 ? 4  DG  A N3    1 
ATOM   81  C  C4    . DG  A 1 4 ? 3.159  0.603   -6.574 1.00 10.84 ? 4  DG  A C4    1 
HETATM 82  BR BR    . CBR B 1 1 ? -3.070 6.407   -4.447 1.00 24.60 ? 5  CBR B BR    1 
HETATM 83  O  "O5'" . CBR B 1 1 ? -1.857 8.096   0.316  1.00 20.14 ? 5  CBR B "O5'" 1 
HETATM 84  N  N1    . CBR B 1 1 ? -0.446 5.160   -1.562 1.00 15.18 ? 5  CBR B N1    1 
HETATM 85  C  C6    . CBR B 1 1 ? -1.574 5.641   -2.172 1.00 14.95 ? 5  CBR B C6    1 
HETATM 86  C  C2    . CBR B 1 1 ? 0.476  4.442   -2.339 1.00 14.63 ? 5  CBR B C2    1 
HETATM 87  O  O2    . CBR B 1 1 ? 1.493  3.958   -1.828 1.00 15.75 ? 5  CBR B O2    1 
HETATM 88  N  N3    . CBR B 1 1 ? 0.236  4.323   -3.674 1.00 13.20 ? 5  CBR B N3    1 
HETATM 89  C  C4    . CBR B 1 1 ? -0.855 4.868   -4.273 1.00 14.42 ? 5  CBR B C4    1 
HETATM 90  N  N4    . CBR B 1 1 ? -0.964 4.702   -5.605 1.00 14.58 ? 5  CBR B N4    1 
HETATM 91  C  C5    . CBR B 1 1 ? -1.827 5.545   -3.493 1.00 12.85 ? 5  CBR B C5    1 
HETATM 92  C  "C2'" . CBR B 1 1 ? 1.039  5.923   0.364  1.00 12.42 ? 5  CBR B "C2'" 1 
HETATM 93  C  "C5'" . CBR B 1 1 ? -1.307 7.921   1.641  1.00 19.50 ? 5  CBR B "C5'" 1 
HETATM 94  C  "C4'" . CBR B 1 1 ? -0.802 6.500   1.764  1.00 13.66 ? 5  CBR B "C4'" 1 
HETATM 95  O  "O4'" . CBR B 1 1 ? -1.275 5.765   0.652  1.00 18.66 ? 5  CBR B "O4'" 1 
HETATM 96  C  "C1'" . CBR B 1 1 ? -0.192 5.172   -0.103 1.00 13.11 ? 5  CBR B "C1'" 1 
HETATM 97  C  "C3'" . CBR B 1 1 ? 0.725  6.353   1.805  1.00 12.48 ? 5  CBR B "C3'" 1 
HETATM 98  O  "O3'" . CBR B 1 1 ? 1.169  5.370   2.785  1.00 8.61  ? 5  CBR B "O3'" 1 
ATOM   99  P  P     . DG  B 1 2 ? 2.040  5.904   4.170  1.00 6.88  ? 6  DG  B P     1 
ATOM   100 O  OP1   . DG  B 1 2 ? 1.938  7.355   3.798  1.00 8.59  ? 6  DG  B OP1   1 
ATOM   101 O  OP2   . DG  B 1 2 ? 3.302  5.207   4.353  1.00 2.00  ? 6  DG  B OP2   1 
ATOM   102 O  "O5'" . DG  B 1 2 ? 1.117  5.639   5.395  1.00 4.81  ? 6  DG  B "O5'" 1 
ATOM   103 C  "C5'" . DG  B 1 2 ? 0.528  4.304   5.457  1.00 5.56  ? 6  DG  B "C5'" 1 
ATOM   104 C  "C4'" . DG  B 1 2 ? -0.895 4.604   5.886  1.00 4.05  ? 6  DG  B "C4'" 1 
ATOM   105 O  "O4'" . DG  B 1 2 ? -1.643 5.209   4.866  1.00 3.32  ? 6  DG  B "O4'" 1 
ATOM   106 C  "C3'" . DG  B 1 2 ? -1.697 3.358   6.250  1.00 2.89  ? 6  DG  B "C3'" 1 
ATOM   107 O  "O3'" . DG  B 1 2 ? -1.391 2.854   7.559  1.00 6.10  ? 6  DG  B "O3'" 1 
ATOM   108 C  "C2'" . DG  B 1 2 ? -3.143 3.813   6.060  1.00 5.34  ? 6  DG  B "C2'" 1 
ATOM   109 C  "C1'" . DG  B 1 2 ? -3.058 5.056   5.196  1.00 4.32  ? 6  DG  B "C1'" 1 
ATOM   110 N  N9    . DG  B 1 2 ? -3.821 5.054   3.949  1.00 5.33  ? 6  DG  B N9    1 
ATOM   111 C  C8    . DG  B 1 2 ? -4.819 5.885   3.515  1.00 8.88  ? 6  DG  B C8    1 
ATOM   112 N  N7    . DG  B 1 2 ? -5.215 5.659   2.283  1.00 5.10  ? 6  DG  B N7    1 
ATOM   113 C  C5    . DG  B 1 2 ? -4.402 4.624   1.857  1.00 7.08  ? 6  DG  B C5    1 
ATOM   114 C  C6    . DG  B 1 2 ? -4.320 3.921   0.620  1.00 9.18  ? 6  DG  B C6    1 
ATOM   115 O  O6    . DG  B 1 2 ? -5.034 4.101   -0.383 1.00 4.22  ? 6  DG  B O6    1 
ATOM   116 N  N1    . DG  B 1 2 ? -3.345 2.950   0.594  1.00 8.74  ? 6  DG  B N1    1 
ATOM   117 C  C2    . DG  B 1 2 ? -2.532 2.708   1.649  1.00 4.44  ? 6  DG  B C2    1 
ATOM   118 N  N2    . DG  B 1 2 ? -1.612 1.751   1.506  1.00 9.22  ? 6  DG  B N2    1 
ATOM   119 N  N3    . DG  B 1 2 ? -2.564 3.335   2.820  1.00 6.10  ? 6  DG  B N3    1 
ATOM   120 C  C4    . DG  B 1 2 ? -3.516 4.272   2.852  1.00 6.45  ? 6  DG  B C4    1 
HETATM 121 BR BR    . CBR B 1 3 ? -6.613 2.444   4.326  1.00 15.93 ? 7  CBR B BR    1 
HETATM 122 P  P     . CBR B 1 3 ? -0.680 1.361   7.630  1.00 6.00  ? 7  CBR B P     1 
HETATM 123 O  OP1   . CBR B 1 3 ? -1.328 0.552   8.749  1.00 5.14  ? 7  CBR B OP1   1 
HETATM 124 O  OP2   . CBR B 1 3 ? 0.736  1.556   7.663  1.00 3.61  ? 7  CBR B OP2   1 
HETATM 125 O  "O5'" . CBR B 1 3 ? -1.241 0.611   6.248  1.00 2.00  ? 7  CBR B "O5'" 1 
HETATM 126 N  N1    . CBR B 1 3 ? -3.903 -0.260  3.117  1.00 12.83 ? 7  CBR B N1    1 
HETATM 127 C  C6    . CBR B 1 3 ? -4.702 0.510   3.894  1.00 12.22 ? 7  CBR B C6    1 
HETATM 128 C  C2    . CBR B 1 3 ? -3.991 -0.203  1.736  1.00 13.44 ? 7  CBR B C2    1 
HETATM 129 O  O2    . CBR B 1 3 ? -3.255 -0.934  1.065  1.00 13.43 ? 7  CBR B O2    1 
HETATM 130 N  N3    . CBR B 1 3 ? -4.880 0.680   1.179  1.00 11.42 ? 7  CBR B N3    1 
HETATM 131 C  C4    . CBR B 1 3 ? -5.673 1.460   1.959  1.00 13.72 ? 7  CBR B C4    1 
HETATM 132 N  N4    . CBR B 1 3 ? -6.521 2.331   1.398  1.00 12.27 ? 7  CBR B N4    1 
HETATM 133 C  C5    . CBR B 1 3 ? -5.595 1.358   3.375  1.00 11.58 ? 7  CBR B C5    1 
HETATM 134 C  "C2'" . CBR B 1 3 ? -1.502 -0.900  3.328  1.00 8.85  ? 7  CBR B "C2'" 1 
HETATM 135 C  "C5'" . CBR B 1 3 ? -1.505 -0.718  6.742  1.00 5.02  ? 7  CBR B "C5'" 1 
HETATM 136 C  "C4'" . CBR B 1 3 ? -1.752 -1.648  5.592  1.00 10.30 ? 7  CBR B "C4'" 1 
HETATM 137 O  "O4'" . CBR B 1 3 ? -3.036 -1.399  5.047  1.00 7.22  ? 7  CBR B "O4'" 1 
HETATM 138 C  "C1'" . CBR B 1 3 ? -2.935 -1.250  3.633  1.00 11.15 ? 7  CBR B "C1'" 1 
HETATM 139 C  "C3'" . CBR B 1 3 ? -0.722 -1.602  4.437  1.00 8.60  ? 7  CBR B "C3'" 1 
HETATM 140 O  "O3'" . CBR B 1 3 ? -0.288 -2.922  4.076  1.00 8.73  ? 7  CBR B "O3'" 1 
ATOM   141 P  P     . DG  B 1 4 ? 1.107  -3.600  4.763  1.00 15.63 ? 8  DG  B P     1 
ATOM   142 O  OP1   . DG  B 1 4 ? 1.457  -2.292  5.550  1.00 2.94  ? 8  DG  B OP1   1 
ATOM   143 O  OP2   . DG  B 1 4 ? 1.856  -4.046  3.616  1.00 2.00  ? 8  DG  B OP2   1 
ATOM   144 O  "O5'" . DG  B 1 4 ? 0.720  -4.690  5.827  1.00 10.34 ? 8  DG  B "O5'" 1 
ATOM   145 C  "C5'" . DG  B 1 4 ? -0.623 -4.855  6.320  1.00 16.57 ? 8  DG  B "C5'" 1 
ATOM   146 C  "C4'" . DG  B 1 4 ? -0.685 -4.796  7.837  1.00 15.49 ? 8  DG  B "C4'" 1 
ATOM   147 O  "O4'" . DG  B 1 4 ? -1.489 -3.716  8.220  1.00 14.97 ? 8  DG  B "O4'" 1 
ATOM   148 C  "C3'" . DG  B 1 4 ? -1.366 -6.040  8.410  1.00 18.19 ? 8  DG  B "C3'" 1 
ATOM   149 O  "O3'" . DG  B 1 4 ? -0.429 -7.069  8.786  1.00 18.31 ? 8  DG  B "O3'" 1 
ATOM   150 C  "C2'" . DG  B 1 4 ? -2.165 -5.516  9.600  1.00 17.68 ? 8  DG  B "C2'" 1 
ATOM   151 C  "C1'" . DG  B 1 4 ? -2.224 -4.041  9.418  1.00 14.29 ? 8  DG  B "C1'" 1 
ATOM   152 N  N9    . DG  B 1 4 ? -3.489 -3.386  9.010  1.00 13.40 ? 8  DG  B N9    1 
ATOM   153 C  C8    . DG  B 1 4 ? -4.264 -2.546  9.747  1.00 11.26 ? 8  DG  B C8    1 
ATOM   154 N  N7    . DG  B 1 4 ? -5.259 -2.041  9.073  1.00 17.16 ? 8  DG  B N7    1 
ATOM   155 C  C5    . DG  B 1 4 ? -5.080 -2.561  7.782  1.00 12.92 ? 8  DG  B C5    1 
ATOM   156 C  C6    . DG  B 1 4 ? -5.836 -2.350  6.601  1.00 10.81 ? 8  DG  B C6    1 
ATOM   157 O  O6    . DG  B 1 4 ? -6.852 -1.670  6.500  1.00 13.00 ? 8  DG  B O6    1 
ATOM   158 N  N1    . DG  B 1 4 ? -5.375 -3.007  5.498  1.00 10.56 ? 8  DG  B N1    1 
ATOM   159 C  C2    . DG  B 1 4 ? -4.253 -3.806  5.549  1.00 11.33 ? 8  DG  B C2    1 
ATOM   160 N  N2    . DG  B 1 4 ? -4.000 -4.366  4.354  1.00 11.68 ? 8  DG  B N2    1 
ATOM   161 N  N3    . DG  B 1 4 ? -3.494 -4.034  6.628  1.00 10.40 ? 8  DG  B N3    1 
ATOM   162 C  C4    . DG  B 1 4 ? -3.966 -3.367  7.715  1.00 12.74 ? 8  DG  B C4    1 
HETATM 163 C  C1    . PRL C 2 . ? 2.331  -10.131 1.255  1.00 12.38 ? 12 PRL A C1    1 
HETATM 164 C  C2    . PRL C 2 . ? 3.069  -9.997  2.364  1.00 14.06 ? 12 PRL A C2    1 
HETATM 165 C  C3    . PRL C 2 . ? 2.639  -9.231  3.370  1.00 14.32 ? 12 PRL A C3    1 
HETATM 166 C  C4    . PRL C 2 . ? 1.461  -8.588  3.269  1.00 12.47 ? 12 PRL A C4    1 
HETATM 167 C  C5    . PRL C 2 . ? -2.325 -7.539  0.819  1.00 7.90  ? 12 PRL A C5    1 
HETATM 168 C  C6    . PRL C 2 . ? -3.047 -7.662  -0.301 1.00 8.21  ? 12 PRL A C6    1 
HETATM 169 C  C7    . PRL C 2 . ? -2.618 -8.421  -1.313 1.00 9.46  ? 12 PRL A C7    1 
HETATM 170 C  C8    . PRL C 2 . ? -1.446 -9.078  -1.192 1.00 10.88 ? 12 PRL A C8    1 
HETATM 171 C  C9    . PRL C 2 . ? 0.442  -9.611  0.015  1.00 9.68  ? 12 PRL A C9    1 
HETATM 172 N  N10   . PRL C 2 . ? -0.417 -8.068  2.034  1.00 11.23 ? 12 PRL A N10   1 
HETATM 173 C  C11   . PRL C 2 . ? 0.733  -8.719  2.160  1.00 7.03  ? 12 PRL A C11   1 
HETATM 174 C  C12   . PRL C 2 . ? -0.725 -8.975  -0.080 1.00 4.34  ? 12 PRL A C12   1 
HETATM 175 C  C13   . PRL C 2 . ? 1.167  -9.481  1.142  1.00 11.72 ? 12 PRL A C13   1 
HETATM 176 C  C14   . PRL C 2 . ? -1.163 -8.205  0.920  1.00 9.90  ? 12 PRL A C14   1 
HETATM 177 N  N15   . PRL C 2 . ? 3.392  -9.137  4.483  1.00 20.85 ? 12 PRL A N15   1 
HETATM 178 N  N16   . PRL C 2 . ? -4.203 -7.005  -0.444 1.00 12.74 ? 12 PRL A N16   1 
HETATM 179 C  C1    . PRL D 2 . ? 0.207  -4.701  1.407  1.00 15.95 ? 13 PRL A C1    1 
HETATM 180 C  C2    . PRL D 2 . ? -0.841 -3.886  1.246  1.00 17.32 ? 13 PRL A C2    1 
HETATM 181 C  C3    . PRL D 2 . ? -1.428 -3.777  0.045  1.00 18.78 ? 13 PRL A C3    1 
HETATM 182 C  C4    . PRL D 2 . ? -0.956 -4.475  -0.998 1.00 16.09 ? 13 PRL A C4    1 
HETATM 183 C  C5    . PRL D 2 . ? 2.107  -7.538  -2.725 1.00 16.12 ? 13 PRL A C5    1 
HETATM 184 C  C6    . PRL D 2 . ? 3.158  -8.355  -2.545 1.00 17.85 ? 13 PRL A C6    1 
HETATM 185 C  C7    . PRL D 2 . ? 3.735  -8.453  -1.343 1.00 16.52 ? 13 PRL A C7    1 
HETATM 186 C  C8    . PRL D 2 . ? 3.259  -7.728  -0.316 1.00 17.26 ? 13 PRL A C8    1 
HETATM 187 C  C9    . PRL D 2 . ? 1.735  -6.208  0.540  1.00 16.07 ? 13 PRL A C9    1 
HETATM 188 N  N10   . PRL D 2 . ? 0.573  -6.012  -1.856 1.00 15.44 ? 13 PRL A N10   1 
HETATM 189 C  C11   . PRL D 2 . ? 0.092  -5.298  -0.825 1.00 16.18 ? 13 PRL A C11   1 
HETATM 190 C  C12   . PRL D 2 . ? 2.210  -6.911  -0.493 1.00 14.94 ? 13 PRL A C12   1 
HETATM 191 C  C13   . PRL D 2 . ? 0.674  -5.404  0.373  1.00 14.10 ? 13 PRL A C13   1 
HETATM 192 C  C14   . PRL D 2 . ? 1.628  -6.824  -1.690 1.00 14.96 ? 13 PRL A C14   1 
HETATM 193 N  N15   . PRL D 2 . ? -2.477 -2.950  -0.090 1.00 15.30 ? 13 PRL A N15   1 
HETATM 194 N  N16   . PRL D 2 . ? 3.665  -9.076  -3.568 1.00 21.39 ? 13 PRL A N16   1 
HETATM 195 C  C1    . PRL E 2 . ? 2.098  6.426   -6.283 1.00 12.11 ? 9  PRL B C1    1 
HETATM 196 C  C2    . PRL E 2 . ? 0.974  6.996   -6.721 1.00 12.04 ? 9  PRL B C2    1 
HETATM 197 C  C3    . PRL E 2 . ? 0.225  7.751   -5.906 1.00 13.38 ? 9  PRL B C3    1 
HETATM 198 C  C4    . PRL E 2 . ? 0.609  7.934   -4.638 1.00 15.36 ? 9  PRL B C4    1 
HETATM 199 C  C5    . PRL E 2 . ? 3.699  7.116   -1.216 1.00 14.66 ? 9  PRL B C5    1 
HETATM 200 C  C6    . PRL E 2 . ? 4.827  6.539   -0.803 1.00 11.55 ? 9  PRL B C6    1 
HETATM 201 C  C7    . PRL E 2 . ? 5.536  5.786   -1.658 1.00 15.32 ? 9  PRL B C7    1 
HETATM 202 C  C8    . PRL E 2 . ? 5.137  5.626   -2.920 1.00 11.68 ? 9  PRL B C8    1 
HETATM 203 C  C9    . PRL E 2 . ? 3.610  6.037   -4.593 1.00 14.53 ? 9  PRL B C9    1 
HETATM 204 N  N10   . PRL E 2 . ? 2.145  7.535   -2.910 1.00 16.96 ? 9  PRL B N10   1 
HETATM 205 C  C11   . PRL E 2 . ? 1.746  7.364   -4.188 1.00 16.09 ? 9  PRL B C11   1 
HETATM 206 C  C12   . PRL E 2 . ? 4.016  6.222   -3.331 1.00 13.85 ? 9  PRL B C12   1 
HETATM 207 C  C13   . PRL E 2 . ? 2.479  6.617   -5.019 1.00 12.98 ? 9  PRL B C13   1 
HETATM 208 C  C14   . PRL E 2 . ? 3.281  6.957   -2.484 1.00 16.35 ? 9  PRL B C14   1 
HETATM 209 N  N15   . PRL E 2 . ? -0.895 8.298   -6.409 1.00 11.47 ? 9  PRL B N15   1 
HETATM 210 N  N16   . PRL E 2 . ? 5.266  6.658   0.457  1.00 9.18  ? 9  PRL B N16   1 
HETATM 211 C  C1    . PRL F 2 . ? 8.382  6.842   -4.990 1.00 18.42 ? 10 PRL B C1    1 
HETATM 212 C  C2    . PRL F 2 . ? 7.608  6.997   -6.084 1.00 16.33 ? 10 PRL B C2    1 
HETATM 213 C  C3    . PRL F 2 . ? 6.541  7.813   -6.032 1.00 15.37 ? 10 PRL B C3    1 
HETATM 214 C  C4    . PRL F 2 . ? 6.257  8.484   -4.906 1.00 14.49 ? 10 PRL B C4    1 
HETATM 215 C  C5    . PRL F 2 . ? 7.210  9.546   -0.500 1.00 21.27 ? 10 PRL B C5    1 
HETATM 216 C  C6    . PRL F 2 . ? 7.970  9.418   0.598  1.00 19.16 ? 10 PRL B C6    1 
HETATM 217 C  C7    . PRL F 2 . ? 9.037  8.610   0.580  1.00 17.51 ? 10 PRL B C7    1 
HETATM 218 C  C8    . PRL F 2 . ? 9.329  7.923   -0.535 1.00 21.35 ? 10 PRL B C8    1 
HETATM 219 C  C9    . PRL F 2 . ? 8.871  7.368   -2.766 1.00 21.36 ? 10 PRL B C9    1 
HETATM 220 N  N10   . PRL F 2 . ? 6.759  9.005   -2.709 1.00 17.30 ? 10 PRL B N10   1 
HETATM 221 C  C11   . PRL F 2 . ? 7.041  8.333   -3.828 1.00 15.82 ? 10 PRL B C11   1 
HETATM 222 C  C12   . PRL F 2 . ? 8.573  8.051   -1.639 1.00 19.64 ? 10 PRL B C12   1 
HETATM 223 C  C13   . PRL F 2 . ? 8.106  7.519   -3.864 1.00 18.33 ? 10 PRL B C13   1 
HETATM 224 C  C14   . PRL F 2 . ? 7.517  8.864   -1.615 1.00 19.75 ? 10 PRL B C14   1 
HETATM 225 N  N15   . PRL F 2 . ? 5.754  7.965   -7.098 1.00 12.58 ? 10 PRL B N15   1 
HETATM 226 N  N16   . PRL F 2 . ? 7.662  10.115  1.708  1.00 15.42 ? 10 PRL B N16   1 
HETATM 227 C  C1    . PRL G 2 . ? 3.098  -0.099  4.805  1.00 14.30 ? 11 PRL B C1    1 
HETATM 228 C  C2    . PRL G 2 . ? 2.142  0.738   4.370  1.00 11.12 ? 11 PRL B C2    1 
HETATM 229 C  C3    . PRL G 2 . ? 1.767  0.698   3.091  1.00 11.54 ? 11 PRL B C3    1 
HETATM 230 C  C4    . PRL G 2 . ? 2.316  -0.181  2.249  1.00 14.41 ? 11 PRL B C4    1 
HETATM 231 C  C5    . PRL G 2 . ? 5.276  -3.563  1.370  1.00 14.60 ? 11 PRL B C5    1 
HETATM 232 C  C6    . PRL G 2 . ? 6.217  -4.423  1.761  1.00 22.27 ? 11 PRL B C6    1 
HETATM 233 C  C7    . PRL G 2 . ? 6.612  -4.436  3.045  1.00 21.75 ? 11 PRL B C7    1 
HETATM 234 C  C8    . PRL G 2 . ? 6.078  -3.572  3.927  1.00 15.19 ? 11 PRL B C8    1 
HETATM 235 C  C9    . PRL G 2 . ? 4.593  -1.842  4.400  1.00 13.23 ? 11 PRL B C9    1 
HETATM 236 N  N10   . PRL G 2 . ? 3.805  -1.870  1.828  1.00 14.30 ? 11 PRL B N10   1 
HETATM 237 C  C11   . PRL G 2 . ? 3.260  -1.015  2.696  1.00 11.91 ? 11 PRL B C11   1 
HETATM 238 C  C12   . PRL G 2 . ? 5.149  -2.712  3.532  1.00 15.09 ? 11 PRL B C12   1 
HETATM 239 C  C13   . PRL G 2 . ? 3.654  -0.986  3.971  1.00 11.76 ? 11 PRL B C13   1 
HETATM 240 C  C14   . PRL G 2 . ? 4.751  -2.720  2.251  1.00 15.59 ? 11 PRL B C14   1 
HETATM 241 N  N15   . PRL G 2 . ? 0.835  1.526   2.609  1.00 18.35 ? 11 PRL B N15   1 
HETATM 242 N  N16   . PRL G 2 . ? 6.728  -5.274  0.855  1.00 21.24 ? 11 PRL B N16   1 
HETATM 243 C  C1    . PRL H 2 . ? 7.972  0.790   4.957  1.00 15.05 ? 14 PRL B C1    1 
HETATM 244 C  C2    . PRL H 2 . ? 8.946  -0.066  4.801  1.00 15.79 ? 14 PRL B C2    1 
HETATM 245 C  C3    . PRL H 2 . ? 9.140  -0.621  3.642  1.00 15.90 ? 14 PRL B C3    1 
HETATM 246 C  C4    . PRL H 2 . ? 8.361  -0.314  2.642  1.00 16.62 ? 14 PRL B C4    1 
HETATM 247 C  C5    . PRL H 2 . ? 4.917  1.901   0.913  1.00 17.39 ? 14 PRL B C5    1 
HETATM 248 C  C6    . PRL H 2 . ? 3.945  2.754   1.036  1.00 18.24 ? 14 PRL B C6    1 
HETATM 249 C  C7    . PRL H 2 . ? 3.714  3.335   2.177  1.00 16.05 ? 14 PRL B C7    1 
HETATM 250 C  C8    . PRL H 2 . ? 4.476  3.069   3.195  1.00 17.49 ? 14 PRL B C8    1 
HETATM 251 C  C9    . PRL H 2 . ? 6.217  1.935   4.101  1.00 15.20 ? 14 PRL B C9    1 
HETATM 252 N  N10   . PRL H 2 . ? 6.623  0.802   1.795  1.00 13.55 ? 14 PRL B N10   1 
HETATM 253 C  C11   . PRL H 2 . ? 7.390  0.530   2.807  1.00 16.84 ? 14 PRL B C11   1 
HETATM 254 C  C12   . PRL H 2 . ? 5.454  2.222   3.085  1.00 18.70 ? 14 PRL B C12   1 
HETATM 255 C  C13   . PRL H 2 . ? 7.186  1.080   3.964  1.00 13.17 ? 14 PRL B C13   1 
HETATM 256 C  C14   . PRL H 2 . ? 5.666  1.642   1.934  1.00 16.03 ? 14 PRL B C14   1 
HETATM 257 N  N15   . PRL H 2 . ? 10.126 -1.443  3.440  1.00 13.51 ? 14 PRL B N15   1 
HETATM 258 N  N16   . PRL H 2 . ? 3.229  2.992   -0.014 1.00 18.63 ? 14 PRL B N16   1 
HETATM 259 O  O     . HOH I 3 . ? 1.728  -6.871  10.069 1.00 13.21 ? 15 HOH B O     1 
# 
